data_2K9B
#
_entry.id   2K9B
#
_entity_poly.entity_id   1
_entity_poly.type   'polypeptide(L)'
_entity_poly.pdbx_seq_one_letter_code
;GLWSKIKAAGKEAAKAAAKAAGKAALNAVSEAV(NH2)
;
_entity_poly.pdbx_strand_id   A
#
loop_
_chem_comp.id
_chem_comp.type
_chem_comp.name
_chem_comp.formula
NH2 non-polymer 'AMINO GROUP' 'H2 N'
#
# COMPACT_ATOMS: atom_id res chain seq x y z
N GLY A 1 19.56 -1.33 -20.45
CA GLY A 1 19.15 -0.49 -19.29
C GLY A 1 17.68 -0.75 -18.98
N LEU A 2 17.35 -2.00 -18.68
CA LEU A 2 15.97 -2.37 -18.37
C LEU A 2 15.54 -1.74 -17.05
N TRP A 3 14.35 -2.12 -16.58
CA TRP A 3 13.84 -1.60 -15.32
C TRP A 3 13.83 -0.08 -15.33
N SER A 4 14.77 0.53 -14.62
CA SER A 4 14.85 1.98 -14.55
C SER A 4 13.57 2.57 -13.97
N LYS A 5 13.70 3.62 -13.18
CA LYS A 5 12.55 4.26 -12.57
C LYS A 5 11.68 3.23 -11.84
N ILE A 6 12.33 2.32 -11.12
CA ILE A 6 11.61 1.29 -10.38
C ILE A 6 11.24 1.79 -8.99
N LYS A 7 12.11 2.59 -8.40
CA LYS A 7 11.86 3.13 -7.06
C LYS A 7 10.70 4.12 -7.09
N ALA A 8 10.72 5.01 -8.07
CA ALA A 8 9.67 6.01 -8.20
C ALA A 8 8.37 5.37 -8.66
N ALA A 9 8.51 4.33 -9.47
CA ALA A 9 7.35 3.62 -9.99
C ALA A 9 6.71 2.76 -8.91
N GLY A 10 7.48 1.83 -8.36
CA GLY A 10 6.97 0.95 -7.31
C GLY A 10 6.24 1.75 -6.24
N LYS A 11 6.97 2.67 -5.60
CA LYS A 11 6.37 3.48 -4.56
C LYS A 11 5.02 4.02 -5.03
N GLU A 12 4.94 4.38 -6.31
CA GLU A 12 3.70 4.88 -6.87
C GLU A 12 2.77 3.72 -7.19
N ALA A 13 3.34 2.54 -7.36
CA ALA A 13 2.56 1.35 -7.66
C ALA A 13 2.01 0.74 -6.38
N ALA A 14 2.68 1.02 -5.26
CA ALA A 14 2.25 0.49 -3.97
C ALA A 14 1.30 1.46 -3.28
N LYS A 15 1.21 2.68 -3.80
CA LYS A 15 0.31 3.67 -3.22
C LYS A 15 -1.09 3.11 -3.06
N ALA A 16 -1.45 2.16 -3.90
CA ALA A 16 -2.77 1.54 -3.83
C ALA A 16 -2.94 0.90 -2.46
N ALA A 17 -2.10 -0.09 -2.18
CA ALA A 17 -2.14 -0.78 -0.90
C ALA A 17 -2.20 0.24 0.23
N ALA A 18 -1.25 1.15 0.20
CA ALA A 18 -1.14 2.21 1.19
C ALA A 18 -2.52 2.58 1.75
N LYS A 19 -3.47 2.86 0.86
CA LYS A 19 -4.81 3.23 1.29
C LYS A 19 -5.59 1.99 1.69
N ALA A 20 -5.94 1.18 0.70
CA ALA A 20 -6.69 -0.05 0.94
C ALA A 20 -6.08 -0.84 2.10
N ALA A 21 -4.89 -0.44 2.51
CA ALA A 21 -4.20 -1.13 3.61
C ALA A 21 -4.77 -0.67 4.95
N GLY A 22 -4.51 0.58 5.32
CA GLY A 22 -5.00 1.12 6.58
C GLY A 22 -6.49 0.82 6.75
N LYS A 23 -7.28 1.16 5.75
CA LYS A 23 -8.73 0.92 5.80
C LYS A 23 -9.02 -0.45 6.42
N ALA A 24 -8.70 -1.50 5.68
CA ALA A 24 -8.95 -2.86 6.15
C ALA A 24 -8.19 -3.13 7.46
N ALA A 25 -7.24 -2.26 7.78
CA ALA A 25 -6.46 -2.43 9.00
C ALA A 25 -7.29 -2.04 10.23
N LEU A 26 -7.97 -0.89 10.14
CA LEU A 26 -8.80 -0.43 11.25
C LEU A 26 -9.95 -1.39 11.51
N ASN A 27 -10.35 -2.12 10.47
CA ASN A 27 -11.44 -3.07 10.59
C ASN A 27 -11.13 -4.11 11.66
N ALA A 28 -9.94 -4.69 11.59
CA ALA A 28 -9.53 -5.70 12.56
C ALA A 28 -9.56 -5.13 13.98
N VAL A 29 -8.62 -4.23 14.28
CA VAL A 29 -8.55 -3.62 15.59
C VAL A 29 -9.95 -3.24 16.08
N SER A 30 -10.77 -2.73 15.16
CA SER A 30 -12.13 -2.33 15.50
C SER A 30 -12.95 -3.54 15.93
N GLU A 31 -12.88 -4.61 15.14
CA GLU A 31 -13.63 -5.83 15.45
C GLU A 31 -13.17 -6.40 16.79
N ALA A 32 -11.86 -6.41 17.01
CA ALA A 32 -11.31 -6.95 18.26
C ALA A 32 -12.09 -6.42 19.45
N VAL A 33 -11.92 -5.14 19.76
CA VAL A 33 -12.62 -4.53 20.88
C VAL A 33 -14.06 -4.16 20.48
N NH2 A 34 -14.26 -3.12 19.74
HN1 NH2 A 34 -13.51 -2.57 19.44
HN2 NH2 A 34 -15.17 -2.86 19.48
N GLY A 1 19.87 -0.94 -14.86
CA GLY A 1 19.20 -2.26 -14.69
C GLY A 1 17.90 -2.30 -15.48
N LEU A 2 17.28 -3.47 -15.53
CA LEU A 2 16.03 -3.63 -16.27
C LEU A 2 15.07 -2.50 -15.95
N TRP A 3 14.72 -2.37 -14.67
CA TRP A 3 13.81 -1.32 -14.24
C TRP A 3 14.57 -0.02 -13.98
N SER A 4 14.31 0.99 -14.81
CA SER A 4 14.97 2.28 -14.66
C SER A 4 14.38 3.05 -13.48
N LYS A 5 14.21 4.36 -13.66
CA LYS A 5 13.65 5.20 -12.61
C LYS A 5 12.18 4.87 -12.39
N ILE A 6 11.66 3.92 -13.17
CA ILE A 6 10.27 3.52 -13.06
C ILE A 6 9.96 3.00 -11.66
N LYS A 7 10.98 2.49 -10.99
CA LYS A 7 10.81 1.96 -9.64
C LYS A 7 10.17 3.01 -8.74
N ALA A 8 10.47 4.28 -8.99
CA ALA A 8 9.91 5.35 -8.19
C ALA A 8 8.42 5.51 -8.46
N ALA A 9 8.03 5.22 -9.70
CA ALA A 9 6.64 5.31 -10.09
C ALA A 9 5.81 4.22 -9.42
N GLY A 10 6.23 2.98 -9.59
CA GLY A 10 5.51 1.85 -9.00
C GLY A 10 5.25 2.10 -7.52
N LYS A 11 6.32 2.32 -6.76
CA LYS A 11 6.18 2.57 -5.33
C LYS A 11 5.06 3.59 -5.09
N GLU A 12 5.00 4.59 -5.96
CA GLU A 12 3.98 5.62 -5.85
C GLU A 12 2.64 5.08 -6.37
N ALA A 13 2.71 4.05 -7.20
CA ALA A 13 1.50 3.45 -7.75
C ALA A 13 0.92 2.42 -6.78
N ALA A 14 1.78 1.89 -5.91
CA ALA A 14 1.35 0.90 -4.93
C ALA A 14 0.87 1.58 -3.64
N LYS A 15 1.26 2.84 -3.47
CA LYS A 15 0.88 3.59 -2.28
C LYS A 15 -0.63 3.50 -2.06
N ALA A 16 -1.38 3.41 -3.15
CA ALA A 16 -2.83 3.31 -3.06
C ALA A 16 -3.20 2.06 -2.26
N ALA A 17 -2.81 0.92 -2.80
CA ALA A 17 -3.09 -0.35 -2.14
C ALA A 17 -2.65 -0.28 -0.69
N ALA A 18 -1.39 0.09 -0.51
CA ALA A 18 -0.79 0.21 0.81
C ALA A 18 -1.84 0.59 1.87
N LYS A 19 -2.61 1.64 1.60
CA LYS A 19 -3.64 2.08 2.53
C LYS A 19 -4.85 1.16 2.44
N ALA A 20 -5.57 1.25 1.33
CA ALA A 20 -6.76 0.42 1.12
C ALA A 20 -6.53 -0.99 1.65
N ALA A 21 -5.27 -1.39 1.74
CA ALA A 21 -4.94 -2.74 2.23
C ALA A 21 -4.92 -2.76 3.74
N GLY A 22 -3.96 -2.05 4.33
CA GLY A 22 -3.85 -2.00 5.79
C GLY A 22 -5.13 -1.46 6.42
N LYS A 23 -5.74 -0.49 5.77
CA LYS A 23 -6.99 0.10 6.27
C LYS A 23 -7.93 -1.00 6.74
N ALA A 24 -8.47 -1.76 5.78
CA ALA A 24 -9.39 -2.83 6.10
C ALA A 24 -8.75 -3.83 7.08
N ALA A 25 -7.43 -3.80 7.15
CA ALA A 25 -6.71 -4.70 8.04
C ALA A 25 -6.76 -4.20 9.48
N LEU A 26 -6.54 -2.90 9.66
CA LEU A 26 -6.56 -2.30 10.98
C LEU A 26 -8.00 -2.06 11.43
N ASN A 27 -8.90 -1.93 10.47
CA ASN A 27 -10.31 -1.70 10.78
C ASN A 27 -10.83 -2.76 11.75
N ALA A 28 -10.42 -4.00 11.54
CA ALA A 28 -10.86 -5.09 12.40
C ALA A 28 -10.48 -4.82 13.85
N VAL A 29 -9.19 -4.56 14.08
CA VAL A 29 -8.71 -4.27 15.43
C VAL A 29 -9.67 -3.33 16.15
N SER A 30 -10.00 -2.21 15.50
CA SER A 30 -10.90 -1.24 16.09
C SER A 30 -12.26 -1.87 16.42
N GLU A 31 -12.82 -2.59 15.44
CA GLU A 31 -14.11 -3.24 15.65
C GLU A 31 -14.03 -4.24 16.79
N ALA A 32 -12.90 -4.96 16.87
CA ALA A 32 -12.72 -5.95 17.91
C ALA A 32 -12.86 -5.31 19.30
N VAL A 33 -11.74 -5.15 19.99
CA VAL A 33 -11.76 -4.55 21.32
C VAL A 33 -12.82 -5.23 22.19
N NH2 A 34 -12.49 -6.25 22.93
HN1 NH2 A 34 -11.57 -6.59 22.91
HN2 NH2 A 34 -13.16 -6.69 23.49
N GLY A 1 17.12 -5.37 -19.12
CA GLY A 1 16.53 -4.43 -20.11
C GLY A 1 16.93 -3.01 -19.75
N LEU A 2 16.07 -2.06 -20.11
CA LEU A 2 16.34 -0.65 -19.82
C LEU A 2 16.56 -0.46 -18.32
N TRP A 3 15.50 -0.62 -17.53
CA TRP A 3 15.60 -0.48 -16.09
C TRP A 3 16.21 0.87 -15.72
N SER A 4 15.36 1.83 -15.38
CA SER A 4 15.83 3.17 -15.02
C SER A 4 14.80 3.87 -14.13
N LYS A 5 13.93 4.66 -14.75
CA LYS A 5 12.90 5.38 -14.02
C LYS A 5 11.82 4.43 -13.51
N ILE A 6 12.20 3.17 -13.33
CA ILE A 6 11.26 2.16 -12.84
C ILE A 6 11.16 2.20 -11.33
N LYS A 7 12.16 2.80 -10.70
CA LYS A 7 12.18 2.91 -9.23
C LYS A 7 11.09 3.85 -8.75
N ALA A 8 10.89 4.94 -9.50
CA ALA A 8 9.87 5.92 -9.13
C ALA A 8 8.49 5.30 -9.17
N ALA A 9 8.32 4.36 -10.07
CA ALA A 9 7.03 3.68 -10.23
C ALA A 9 6.64 2.96 -8.94
N GLY A 10 7.65 2.44 -8.24
CA GLY A 10 7.40 1.73 -6.99
C GLY A 10 6.46 2.52 -6.09
N LYS A 11 6.87 3.75 -5.76
CA LYS A 11 6.05 4.60 -4.90
C LYS A 11 4.60 4.57 -5.38
N GLU A 12 4.43 4.58 -6.70
CA GLU A 12 3.10 4.55 -7.29
C GLU A 12 2.54 3.12 -7.23
N ALA A 13 3.44 2.14 -7.08
CA ALA A 13 3.02 0.75 -7.01
C ALA A 13 2.66 0.38 -5.57
N ALA A 14 3.20 1.14 -4.61
CA ALA A 14 2.94 0.88 -3.20
C ALA A 14 1.73 1.67 -2.73
N LYS A 15 1.34 2.67 -3.52
CA LYS A 15 0.18 3.50 -3.18
C LYS A 15 -1.02 2.62 -2.85
N ALA A 16 -1.14 1.50 -3.55
CA ALA A 16 -2.25 0.59 -3.31
C ALA A 16 -2.24 0.15 -1.86
N ALA A 17 -1.17 -0.52 -1.48
CA ALA A 17 -1.02 -0.99 -0.10
C ALA A 17 -1.34 0.14 0.86
N ALA A 18 -0.64 1.25 0.65
CA ALA A 18 -0.80 2.45 1.47
C ALA A 18 -2.23 2.55 2.03
N LYS A 19 -3.21 2.52 1.14
CA LYS A 19 -4.60 2.60 1.56
C LYS A 19 -5.04 1.29 2.20
N ALA A 20 -5.13 0.26 1.36
CA ALA A 20 -5.54 -1.06 1.84
C ALA A 20 -4.87 -1.40 3.17
N ALA A 21 -3.81 -0.67 3.49
CA ALA A 21 -3.10 -0.91 4.75
C ALA A 21 -3.88 -0.35 5.93
N GLY A 22 -4.01 0.97 5.98
CA GLY A 22 -4.74 1.61 7.07
C GLY A 22 -6.13 1.00 7.23
N LYS A 23 -6.77 0.68 6.12
CA LYS A 23 -8.10 0.09 6.16
C LYS A 23 -8.10 -1.12 7.10
N ALA A 24 -7.43 -2.19 6.68
CA ALA A 24 -7.37 -3.41 7.48
C ALA A 24 -6.80 -3.10 8.86
N ALA A 25 -5.94 -2.08 8.93
CA ALA A 25 -5.33 -1.70 10.20
C ALA A 25 -6.40 -1.35 11.23
N LEU A 26 -7.52 -0.81 10.75
CA LEU A 26 -8.61 -0.43 11.64
C LEU A 26 -9.51 -1.62 11.91
N ASN A 27 -9.31 -2.70 11.15
CA ASN A 27 -10.12 -3.91 11.32
C ASN A 27 -10.21 -4.29 12.80
N ALA A 28 -9.29 -3.75 13.60
CA ALA A 28 -9.29 -4.04 15.03
C ALA A 28 -10.64 -3.71 15.65
N VAL A 29 -11.03 -2.44 15.54
CA VAL A 29 -12.31 -2.00 16.10
C VAL A 29 -13.42 -2.98 15.73
N SER A 30 -13.44 -3.40 14.46
CA SER A 30 -14.45 -4.34 14.00
C SER A 30 -14.37 -5.64 14.77
N GLU A 31 -13.15 -6.16 14.93
CA GLU A 31 -12.94 -7.40 15.66
C GLU A 31 -13.36 -7.25 17.11
N ALA A 32 -12.95 -6.13 17.72
CA ALA A 32 -13.29 -5.87 19.11
C ALA A 32 -14.79 -5.77 19.30
N VAL A 33 -15.35 -4.61 18.98
CA VAL A 33 -16.79 -4.41 19.11
C VAL A 33 -17.54 -5.04 17.94
N NH2 A 34 -17.15 -4.78 16.72
HN1 NH2 A 34 -16.39 -4.17 16.57
HN2 NH2 A 34 -17.63 -5.18 15.97
N GLY A 1 21.01 0.95 -15.95
CA GLY A 1 21.16 2.27 -16.63
C GLY A 1 19.81 2.68 -17.22
N LEU A 2 19.14 1.75 -17.89
CA LEU A 2 17.85 2.02 -18.49
C LEU A 2 16.73 1.87 -17.46
N TRP A 3 16.42 0.62 -17.13
CA TRP A 3 15.37 0.34 -16.15
C TRP A 3 15.48 1.28 -14.96
N SER A 4 14.71 2.37 -15.00
CA SER A 4 14.71 3.34 -13.92
C SER A 4 13.39 4.11 -13.89
N LYS A 5 12.91 4.41 -12.69
CA LYS A 5 11.67 5.14 -12.53
C LYS A 5 10.48 4.27 -12.95
N ILE A 6 10.78 3.02 -13.33
CA ILE A 6 9.74 2.09 -13.76
C ILE A 6 9.45 1.07 -12.66
N LYS A 7 10.51 0.61 -12.00
CA LYS A 7 10.37 -0.37 -10.93
C LYS A 7 9.81 0.28 -9.68
N ALA A 8 10.58 1.19 -9.10
CA ALA A 8 10.15 1.89 -7.88
C ALA A 8 8.76 2.46 -8.06
N ALA A 9 8.45 2.84 -9.29
CA ALA A 9 7.14 3.41 -9.60
C ALA A 9 6.03 2.51 -9.10
N GLY A 10 6.18 1.21 -9.31
CA GLY A 10 5.18 0.24 -8.88
C GLY A 10 4.94 0.37 -7.38
N LYS A 11 5.99 0.14 -6.58
CA LYS A 11 5.88 0.24 -5.14
C LYS A 11 5.15 1.53 -4.77
N GLU A 12 5.37 2.57 -5.58
CA GLU A 12 4.73 3.85 -5.34
C GLU A 12 3.30 3.83 -5.89
N ALA A 13 3.04 2.94 -6.84
CA ALA A 13 1.71 2.83 -7.43
C ALA A 13 0.85 1.87 -6.62
N ALA A 14 1.51 0.92 -5.94
CA ALA A 14 0.79 -0.05 -5.13
C ALA A 14 0.67 0.42 -3.68
N LYS A 15 1.34 1.52 -3.37
CA LYS A 15 1.29 2.06 -2.02
C LYS A 15 -0.15 2.37 -1.60
N ALA A 16 -0.90 2.97 -2.52
CA ALA A 16 -2.29 3.30 -2.24
C ALA A 16 -2.96 2.11 -1.59
N ALA A 17 -2.93 1.00 -2.31
CA ALA A 17 -3.53 -0.23 -1.82
C ALA A 17 -3.00 -0.52 -0.42
N ALA A 18 -1.68 -0.60 -0.33
CA ALA A 18 -1.02 -0.86 0.95
C ALA A 18 -1.79 -0.27 2.11
N LYS A 19 -1.87 1.07 2.16
CA LYS A 19 -2.59 1.73 3.24
C LYS A 19 -4.08 1.45 3.13
N ALA A 20 -4.67 1.91 2.02
CA ALA A 20 -6.10 1.72 1.79
C ALA A 20 -6.52 0.33 2.22
N ALA A 21 -5.59 -0.62 2.18
CA ALA A 21 -5.88 -2.00 2.56
C ALA A 21 -5.59 -2.20 4.05
N GLY A 22 -4.31 -2.24 4.40
CA GLY A 22 -3.92 -2.44 5.79
C GLY A 22 -4.76 -1.60 6.74
N LYS A 23 -4.84 -0.30 6.46
CA LYS A 23 -5.63 0.60 7.29
C LYS A 23 -6.95 -0.05 7.68
N ALA A 24 -7.83 -0.22 6.71
CA ALA A 24 -9.13 -0.84 6.96
C ALA A 24 -8.95 -2.24 7.54
N ALA A 25 -7.84 -2.89 7.19
CA ALA A 25 -7.58 -4.24 7.69
C ALA A 25 -7.47 -4.24 9.21
N LEU A 26 -6.63 -3.36 9.74
CA LEU A 26 -6.44 -3.27 11.18
C LEU A 26 -7.61 -2.52 11.82
N ASN A 27 -8.20 -1.60 11.08
CA ASN A 27 -9.33 -0.83 11.58
C ASN A 27 -10.39 -1.75 12.17
N ALA A 28 -10.55 -2.91 11.57
CA ALA A 28 -11.54 -3.89 12.05
C ALA A 28 -11.28 -4.22 13.52
N VAL A 29 -10.01 -4.34 13.88
CA VAL A 29 -9.64 -4.67 15.25
C VAL A 29 -10.23 -3.64 16.22
N SER A 30 -10.15 -2.36 15.84
CA SER A 30 -10.67 -1.30 16.68
C SER A 30 -12.17 -1.49 16.92
N GLU A 31 -12.89 -1.91 15.89
CA GLU A 31 -14.32 -2.12 16.01
C GLU A 31 -14.61 -3.40 16.80
N ALA A 32 -13.65 -4.32 16.79
CA ALA A 32 -13.81 -5.58 17.52
C ALA A 32 -14.39 -5.34 18.91
N VAL A 33 -13.59 -4.70 19.77
CA VAL A 33 -14.03 -4.41 21.13
C VAL A 33 -15.48 -3.93 21.14
N NH2 A 34 -16.24 -4.20 22.17
HN1 NH2 A 34 -15.88 -4.72 22.92
HN2 NH2 A 34 -17.17 -3.89 22.18
N GLY A 1 17.14 -6.45 -19.11
CA GLY A 1 15.93 -5.73 -18.65
C GLY A 1 16.26 -4.27 -18.38
N LEU A 2 15.44 -3.37 -18.92
CA LEU A 2 15.67 -1.94 -18.73
C LEU A 2 15.18 -1.51 -17.36
N TRP A 3 15.96 -0.66 -16.69
CA TRP A 3 15.60 -0.17 -15.37
C TRP A 3 14.52 0.90 -15.47
N SER A 4 14.68 1.81 -16.42
CA SER A 4 13.71 2.87 -16.62
C SER A 4 13.61 3.74 -15.38
N LYS A 5 12.39 4.13 -15.02
CA LYS A 5 12.16 4.97 -13.84
C LYS A 5 11.61 4.14 -12.70
N ILE A 6 12.37 3.13 -12.28
CA ILE A 6 11.95 2.26 -11.19
C ILE A 6 11.80 3.06 -9.90
N LYS A 7 12.34 4.27 -9.90
CA LYS A 7 12.27 5.13 -8.72
C LYS A 7 10.81 5.45 -8.38
N ALA A 8 10.27 6.46 -9.05
CA ALA A 8 8.88 6.87 -8.80
C ALA A 8 7.96 5.66 -8.84
N ALA A 9 8.34 4.67 -9.62
CA ALA A 9 7.54 3.45 -9.75
C ALA A 9 7.17 2.91 -8.37
N GLY A 10 8.14 2.89 -7.47
CA GLY A 10 7.91 2.40 -6.12
C GLY A 10 6.72 3.10 -5.47
N LYS A 11 6.84 4.41 -5.29
CA LYS A 11 5.76 5.19 -4.70
C LYS A 11 4.43 4.78 -5.32
N GLU A 12 4.45 4.52 -6.62
CA GLU A 12 3.26 4.11 -7.33
C GLU A 12 2.96 2.64 -7.07
N ALA A 13 4.01 1.88 -6.74
CA ALA A 13 3.86 0.46 -6.46
C ALA A 13 3.45 0.25 -5.01
N ALA A 14 3.75 1.24 -4.17
CA ALA A 14 3.42 1.15 -2.75
C ALA A 14 2.05 1.78 -2.48
N LYS A 15 1.53 2.51 -3.46
CA LYS A 15 0.23 3.16 -3.31
C LYS A 15 -0.82 2.13 -2.89
N ALA A 16 -0.84 0.98 -3.57
CA ALA A 16 -1.79 -0.06 -3.24
C ALA A 16 -1.79 -0.28 -1.75
N ALA A 17 -0.62 -0.63 -1.24
CA ALA A 17 -0.44 -0.86 0.18
C ALA A 17 -1.06 0.30 0.96
N ALA A 18 -0.58 1.50 0.63
CA ALA A 18 -1.06 2.72 1.27
C ALA A 18 -2.54 2.59 1.67
N LYS A 19 -3.40 2.46 0.66
CA LYS A 19 -4.83 2.34 0.93
C LYS A 19 -5.13 0.95 1.49
N ALA A 20 -4.85 -0.08 0.70
CA ALA A 20 -5.09 -1.45 1.13
C ALA A 20 -4.67 -1.66 2.58
N ALA A 21 -3.80 -0.79 3.07
CA ALA A 21 -3.32 -0.88 4.45
C ALA A 21 -4.36 -0.33 5.41
N GLY A 22 -4.59 0.98 5.33
CA GLY A 22 -5.56 1.62 6.21
C GLY A 22 -6.84 0.79 6.32
N LYS A 23 -7.32 0.30 5.19
CA LYS A 23 -8.52 -0.52 5.16
C LYS A 23 -8.44 -1.60 6.25
N ALA A 24 -7.56 -2.57 6.05
CA ALA A 24 -7.39 -3.65 7.01
C ALA A 24 -7.02 -3.09 8.38
N ALA A 25 -6.47 -1.88 8.40
CA ALA A 25 -6.08 -1.26 9.65
C ALA A 25 -7.31 -0.87 10.46
N LEU A 26 -8.29 -0.27 9.78
CA LEU A 26 -9.52 0.14 10.45
C LEU A 26 -10.35 -1.08 10.86
N ASN A 27 -10.33 -2.10 10.02
CA ASN A 27 -11.07 -3.32 10.30
C ASN A 27 -10.72 -3.85 11.69
N ALA A 28 -9.50 -3.59 12.12
CA ALA A 28 -9.05 -4.04 13.44
C ALA A 28 -10.07 -3.67 14.51
N VAL A 29 -10.71 -2.51 14.34
CA VAL A 29 -11.70 -2.06 15.30
C VAL A 29 -12.81 -3.09 15.45
N SER A 30 -13.28 -3.61 14.31
CA SER A 30 -14.35 -4.61 14.34
C SER A 30 -13.93 -5.82 15.17
N GLU A 31 -12.71 -6.29 14.96
CA GLU A 31 -12.20 -7.43 15.70
C GLU A 31 -12.22 -7.15 17.21
N ALA A 32 -11.88 -5.91 17.57
CA ALA A 32 -11.85 -5.51 18.97
C ALA A 32 -13.24 -5.64 19.59
N VAL A 33 -13.71 -4.57 20.21
CA VAL A 33 -15.03 -4.58 20.84
C VAL A 33 -15.14 -5.73 21.83
N NH2 A 34 -14.63 -5.61 23.02
HN1 NH2 A 34 -14.18 -4.78 23.28
HN2 NH2 A 34 -14.70 -6.35 23.66
N GLY A 1 16.24 -5.85 -14.58
CA GLY A 1 16.58 -5.36 -15.94
C GLY A 1 15.93 -4.02 -16.19
N LEU A 2 14.76 -3.80 -15.56
CA LEU A 2 14.04 -2.55 -15.72
C LEU A 2 14.72 -1.44 -14.92
N TRP A 3 16.01 -1.25 -15.15
CA TRP A 3 16.76 -0.22 -14.43
C TRP A 3 16.57 1.14 -15.12
N SER A 4 15.50 1.82 -14.77
CA SER A 4 15.22 3.13 -15.35
C SER A 4 14.11 3.85 -14.56
N LYS A 5 14.49 4.44 -13.44
CA LYS A 5 13.52 5.16 -12.61
C LYS A 5 12.27 4.31 -12.41
N ILE A 6 12.39 3.24 -11.64
CA ILE A 6 11.27 2.35 -11.37
C ILE A 6 10.80 2.50 -9.92
N LYS A 7 11.52 3.33 -9.16
CA LYS A 7 11.16 3.55 -7.76
C LYS A 7 9.83 4.29 -7.66
N ALA A 8 9.78 5.51 -8.18
CA ALA A 8 8.56 6.30 -8.14
C ALA A 8 7.37 5.49 -8.66
N ALA A 9 7.66 4.61 -9.60
CA ALA A 9 6.62 3.77 -10.20
C ALA A 9 6.00 2.87 -9.13
N GLY A 10 6.85 2.16 -8.40
CA GLY A 10 6.37 1.26 -7.35
C GLY A 10 5.54 2.01 -6.32
N LYS A 11 6.16 2.97 -5.65
CA LYS A 11 5.46 3.76 -4.65
C LYS A 11 4.10 4.19 -5.18
N GLU A 12 4.05 4.48 -6.48
CA GLU A 12 2.81 4.89 -7.11
C GLU A 12 1.93 3.67 -7.40
N ALA A 13 2.57 2.50 -7.52
CA ALA A 13 1.85 1.27 -7.77
C ALA A 13 1.37 0.65 -6.47
N ALA A 14 2.07 0.93 -5.38
CA ALA A 14 1.71 0.39 -4.08
C ALA A 14 0.72 1.32 -3.37
N LYS A 15 0.65 2.56 -3.84
CA LYS A 15 -0.25 3.54 -3.23
C LYS A 15 -1.64 2.94 -3.04
N ALA A 16 -2.03 2.06 -3.95
CA ALA A 16 -3.34 1.42 -3.87
C ALA A 16 -3.44 0.63 -2.57
N ALA A 17 -2.57 -0.35 -2.44
CA ALA A 17 -2.53 -1.18 -1.24
C ALA A 17 -2.41 -0.30 -0.01
N ALA A 18 -1.37 0.52 -0.02
CA ALA A 18 -1.08 1.43 1.08
C ALA A 18 -2.37 1.87 1.79
N LYS A 19 -3.42 2.10 1.01
CA LYS A 19 -4.70 2.52 1.59
C LYS A 19 -5.57 1.30 1.89
N ALA A 20 -6.15 0.74 0.84
CA ALA A 20 -7.02 -0.43 0.99
C ALA A 20 -6.47 -1.38 2.04
N ALA A 21 -5.15 -1.33 2.25
CA ALA A 21 -4.52 -2.21 3.23
C ALA A 21 -4.47 -1.53 4.59
N GLY A 22 -3.58 -0.54 4.73
CA GLY A 22 -3.44 0.18 5.99
C GLY A 22 -4.80 0.61 6.52
N LYS A 23 -5.60 1.24 5.67
CA LYS A 23 -6.92 1.70 6.08
C LYS A 23 -7.62 0.64 6.92
N ALA A 24 -8.01 -0.46 6.28
CA ALA A 24 -8.67 -1.55 6.98
C ALA A 24 -7.81 -2.06 8.14
N ALA A 25 -6.49 -2.08 7.92
CA ALA A 25 -5.57 -2.55 8.95
C ALA A 25 -5.84 -1.84 10.28
N LEU A 26 -6.35 -0.61 10.19
CA LEU A 26 -6.65 0.16 11.39
C LEU A 26 -8.03 -0.20 11.94
N ASN A 27 -9.04 -0.12 11.10
CA ASN A 27 -10.40 -0.45 11.52
C ASN A 27 -10.48 -1.90 11.97
N ALA A 28 -9.91 -2.80 11.18
CA ALA A 28 -9.93 -4.22 11.51
C ALA A 28 -9.68 -4.43 13.00
N VAL A 29 -8.51 -3.98 13.48
CA VAL A 29 -8.17 -4.14 14.88
C VAL A 29 -9.37 -3.82 15.76
N SER A 30 -10.07 -2.74 15.45
CA SER A 30 -11.24 -2.35 16.21
C SER A 30 -12.33 -3.41 16.12
N GLU A 31 -12.67 -3.78 14.89
CA GLU A 31 -13.71 -4.80 14.67
C GLU A 31 -13.28 -6.13 15.26
N ALA A 32 -11.98 -6.37 15.31
CA ALA A 32 -11.46 -7.62 15.86
C ALA A 32 -11.94 -7.82 17.29
N VAL A 33 -11.67 -6.83 18.14
CA VAL A 33 -12.08 -6.91 19.54
C VAL A 33 -13.51 -7.42 19.65
N NH2 A 34 -13.79 -8.38 20.50
HN1 NH2 A 34 -13.08 -8.76 21.06
HN2 NH2 A 34 -14.71 -8.71 20.58
N GLY A 1 17.16 -6.71 -16.26
CA GLY A 1 16.39 -5.58 -16.85
C GLY A 1 16.28 -4.44 -15.83
N LEU A 2 17.42 -3.82 -15.53
CA LEU A 2 17.44 -2.73 -14.57
C LEU A 2 16.85 -1.46 -15.19
N TRP A 3 15.64 -1.11 -14.77
CA TRP A 3 14.97 0.08 -15.30
C TRP A 3 15.52 1.34 -14.63
N SER A 4 15.07 2.49 -15.10
CA SER A 4 15.53 3.77 -14.56
C SER A 4 14.96 3.98 -13.16
N LYS A 5 14.63 5.23 -12.84
CA LYS A 5 14.08 5.57 -11.53
C LYS A 5 12.64 5.09 -11.43
N ILE A 6 12.22 4.24 -12.35
CA ILE A 6 10.85 3.72 -12.35
C ILE A 6 10.59 2.93 -11.07
N LYS A 7 11.64 2.67 -10.31
CA LYS A 7 11.52 1.92 -9.06
C LYS A 7 10.57 2.64 -8.10
N ALA A 8 10.83 3.92 -7.89
CA ALA A 8 10.00 4.73 -6.99
C ALA A 8 8.58 4.80 -7.50
N ALA A 9 8.44 4.78 -8.82
CA ALA A 9 7.13 4.85 -9.45
C ALA A 9 6.18 3.83 -8.83
N GLY A 10 6.68 2.62 -8.60
CA GLY A 10 5.87 1.56 -8.01
C GLY A 10 5.26 2.02 -6.69
N LYS A 11 6.12 2.42 -5.76
CA LYS A 11 5.64 2.88 -4.45
C LYS A 11 4.48 3.86 -4.65
N GLU A 12 4.57 4.67 -5.70
CA GLU A 12 3.53 5.63 -6.01
C GLU A 12 2.36 4.94 -6.70
N ALA A 13 2.63 3.80 -7.32
CA ALA A 13 1.59 3.05 -8.01
C ALA A 13 0.90 2.09 -7.05
N ALA A 14 1.61 1.74 -5.98
CA ALA A 14 1.07 0.81 -4.98
C ALA A 14 0.39 1.59 -3.86
N LYS A 15 0.66 2.89 -3.79
CA LYS A 15 0.07 3.74 -2.76
C LYS A 15 -1.43 3.48 -2.66
N ALA A 16 -2.06 3.19 -3.80
CA ALA A 16 -3.49 2.91 -3.81
C ALA A 16 -3.78 1.76 -2.87
N ALA A 17 -3.21 0.61 -3.18
CA ALA A 17 -3.38 -0.57 -2.35
C ALA A 17 -3.15 -0.22 -0.90
N ALA A 18 -1.98 0.36 -0.65
CA ALA A 18 -1.57 0.76 0.69
C ALA A 18 -2.78 1.14 1.55
N LYS A 19 -3.61 2.04 1.05
CA LYS A 19 -4.80 2.46 1.79
C LYS A 19 -5.87 1.39 1.72
N ALA A 20 -6.44 1.23 0.52
CA ALA A 20 -7.50 0.24 0.32
C ALA A 20 -7.16 -1.06 1.04
N ALA A 21 -5.87 -1.25 1.33
CA ALA A 21 -5.42 -2.46 2.01
C ALA A 21 -5.39 -2.24 3.52
N GLY A 22 -4.52 -1.36 3.97
CA GLY A 22 -4.40 -1.06 5.39
C GLY A 22 -5.76 -0.74 5.99
N LYS A 23 -6.57 0.01 5.24
CA LYS A 23 -7.90 0.38 5.72
C LYS A 23 -8.60 -0.83 6.33
N ALA A 24 -8.94 -1.79 5.48
CA ALA A 24 -9.62 -3.00 5.94
C ALA A 24 -8.79 -3.70 7.00
N ALA A 25 -7.50 -3.39 7.04
CA ALA A 25 -6.60 -4.01 8.02
C ALA A 25 -6.77 -3.34 9.38
N LEU A 26 -6.93 -2.02 9.38
CA LEU A 26 -7.10 -1.28 10.63
C LEU A 26 -8.45 -1.60 11.26
N ASN A 27 -9.48 -1.71 10.42
CA ASN A 27 -10.81 -2.01 10.91
C ASN A 27 -10.79 -3.22 11.84
N ALA A 28 -9.91 -4.16 11.54
CA ALA A 28 -9.79 -5.36 12.36
C ALA A 28 -9.41 -5.00 13.80
N VAL A 29 -8.31 -4.28 13.95
CA VAL A 29 -7.86 -3.87 15.27
C VAL A 29 -9.03 -3.33 16.09
N SER A 30 -9.77 -2.40 15.51
CA SER A 30 -10.92 -1.81 16.20
C SER A 30 -11.86 -2.90 16.69
N GLU A 31 -12.11 -3.89 15.83
CA GLU A 31 -12.99 -4.99 16.19
C GLU A 31 -12.45 -5.72 17.41
N ALA A 32 -11.13 -5.92 17.45
CA ALA A 32 -10.49 -6.61 18.55
C ALA A 32 -10.70 -5.83 19.85
N VAL A 33 -11.10 -4.57 19.72
CA VAL A 33 -11.34 -3.72 20.89
C VAL A 33 -12.42 -2.70 20.59
N NH2 A 34 -12.13 -1.43 20.59
HN1 NH2 A 34 -11.21 -1.14 20.78
HN2 NH2 A 34 -12.82 -0.76 20.40
N GLY A 1 18.35 1.63 -21.28
CA GLY A 1 18.48 2.96 -21.94
C GLY A 1 18.41 4.05 -20.89
N LEU A 2 17.43 3.94 -19.99
CA LEU A 2 17.26 4.92 -18.93
C LEU A 2 16.23 4.45 -17.92
N TRP A 3 16.70 3.75 -16.89
CA TRP A 3 15.80 3.23 -15.86
C TRP A 3 15.58 4.28 -14.77
N SER A 4 14.69 5.22 -15.02
CA SER A 4 14.40 6.27 -14.06
C SER A 4 13.69 5.70 -12.83
N LYS A 5 12.80 4.74 -13.06
CA LYS A 5 12.06 4.12 -11.97
C LYS A 5 11.60 2.72 -12.37
N ILE A 6 10.31 2.59 -12.67
CA ILE A 6 9.74 1.31 -13.07
C ILE A 6 9.98 0.25 -11.99
N LYS A 7 11.20 -0.26 -11.93
CA LYS A 7 11.55 -1.26 -10.94
C LYS A 7 11.02 -0.87 -9.56
N ALA A 8 11.43 0.31 -9.09
CA ALA A 8 11.00 0.80 -7.79
C ALA A 8 9.54 1.23 -7.85
N ALA A 9 9.12 1.69 -9.01
CA ALA A 9 7.75 2.15 -9.20
C ALA A 9 6.77 1.18 -8.57
N GLY A 10 7.18 -0.08 -8.44
CA GLY A 10 6.32 -1.10 -7.84
C GLY A 10 5.97 -0.73 -6.40
N LYS A 11 6.97 -0.72 -5.53
CA LYS A 11 6.73 -0.37 -4.14
C LYS A 11 5.87 0.89 -4.05
N GLU A 12 6.04 1.77 -5.04
CA GLU A 12 5.27 3.00 -5.09
C GLU A 12 3.89 2.73 -5.69
N ALA A 13 3.79 1.67 -6.48
CA ALA A 13 2.53 1.31 -7.11
C ALA A 13 1.71 0.45 -6.17
N ALA A 14 2.38 -0.22 -5.24
CA ALA A 14 1.69 -1.08 -4.28
C ALA A 14 1.36 -0.31 -3.00
N LYS A 15 1.80 0.95 -2.94
CA LYS A 15 1.54 1.77 -1.78
C LYS A 15 0.04 2.01 -1.59
N ALA A 16 -0.67 2.16 -2.71
CA ALA A 16 -2.11 2.36 -2.65
C ALA A 16 -2.74 1.26 -1.83
N ALA A 17 -2.56 0.04 -2.30
CA ALA A 17 -3.09 -1.12 -1.62
C ALA A 17 -2.70 -1.09 -0.15
N ALA A 18 -1.39 -1.00 0.06
CA ALA A 18 -0.82 -0.95 1.41
C ALA A 18 -1.79 -0.30 2.39
N LYS A 19 -2.23 0.92 2.08
CA LYS A 19 -3.15 1.63 2.95
C LYS A 19 -4.55 1.05 2.81
N ALA A 20 -5.16 1.27 1.65
CA ALA A 20 -6.50 0.77 1.38
C ALA A 20 -6.68 -0.62 1.96
N ALA A 21 -5.56 -1.33 2.14
CA ALA A 21 -5.60 -2.68 2.69
C ALA A 21 -5.53 -2.65 4.21
N GLY A 22 -4.39 -2.19 4.72
CA GLY A 22 -4.19 -2.11 6.16
C GLY A 22 -5.30 -1.28 6.82
N LYS A 23 -5.66 -0.17 6.19
CA LYS A 23 -6.69 0.71 6.72
C LYS A 23 -7.85 -0.13 7.28
N ALA A 24 -8.59 -0.78 6.40
CA ALA A 24 -9.71 -1.60 6.81
C ALA A 24 -9.27 -2.68 7.80
N ALA A 25 -8.00 -3.05 7.71
CA ALA A 25 -7.46 -4.09 8.60
C ALA A 25 -7.33 -3.55 10.02
N LEU A 26 -6.85 -2.32 10.15
CA LEU A 26 -6.68 -1.71 11.46
C LEU A 26 -8.02 -1.22 12.00
N ASN A 27 -8.76 -0.50 11.17
CA ASN A 27 -10.06 0.03 11.57
C ASN A 27 -10.93 -1.09 12.18
N ALA A 28 -10.73 -2.31 11.69
CA ALA A 28 -11.49 -3.44 12.20
C ALA A 28 -11.32 -3.58 13.70
N VAL A 29 -10.07 -3.63 14.15
CA VAL A 29 -9.79 -3.78 15.57
C VAL A 29 -10.70 -2.87 16.40
N SER A 30 -10.81 -1.61 15.98
CA SER A 30 -11.67 -0.66 16.69
C SER A 30 -13.10 -1.16 16.74
N GLU A 31 -13.61 -1.61 15.60
CA GLU A 31 -14.98 -2.13 15.52
C GLU A 31 -15.16 -3.30 16.48
N ALA A 32 -14.19 -4.22 16.48
CA ALA A 32 -14.26 -5.39 17.34
C ALA A 32 -14.65 -4.98 18.76
N VAL A 33 -13.67 -4.45 19.50
CA VAL A 33 -13.92 -4.03 20.87
C VAL A 33 -14.79 -2.76 20.90
N NH2 A 34 -14.67 -1.88 19.94
HN1 NH2 A 34 -14.03 -2.03 19.22
HN2 NH2 A 34 -15.22 -1.07 19.95
N GLY A 1 19.53 0.37 -22.35
CA GLY A 1 18.71 1.16 -21.40
C GLY A 1 17.33 0.53 -21.25
N LEU A 2 17.01 0.08 -20.04
CA LEU A 2 15.72 -0.56 -19.78
C LEU A 2 15.15 -0.08 -18.46
N TRP A 3 15.92 -0.26 -17.39
CA TRP A 3 15.48 0.16 -16.06
C TRP A 3 15.15 1.65 -16.05
N SER A 4 13.96 1.99 -16.55
CA SER A 4 13.53 3.39 -16.58
C SER A 4 13.04 3.84 -15.21
N LYS A 5 13.97 3.99 -14.28
CA LYS A 5 13.63 4.42 -12.93
C LYS A 5 12.35 3.73 -12.45
N ILE A 6 12.29 2.42 -12.67
CA ILE A 6 11.12 1.64 -12.25
C ILE A 6 11.03 1.57 -10.73
N LYS A 7 12.13 1.91 -10.06
CA LYS A 7 12.17 1.89 -8.60
C LYS A 7 11.08 2.78 -8.02
N ALA A 8 11.10 4.05 -8.40
CA ALA A 8 10.12 5.00 -7.91
C ALA A 8 8.70 4.58 -8.31
N ALA A 9 8.62 3.93 -9.46
CA ALA A 9 7.33 3.46 -9.97
C ALA A 9 6.70 2.46 -9.01
N GLY A 10 7.55 1.72 -8.30
CA GLY A 10 7.06 0.72 -7.35
C GLY A 10 6.37 1.40 -6.17
N LYS A 11 7.09 2.26 -5.47
CA LYS A 11 6.52 2.97 -4.34
C LYS A 11 5.15 3.54 -4.71
N GLU A 12 4.98 3.83 -6.00
CA GLU A 12 3.72 4.37 -6.49
C GLU A 12 2.72 3.25 -6.72
N ALA A 13 3.24 2.05 -6.98
CA ALA A 13 2.38 0.90 -7.22
C ALA A 13 1.98 0.25 -5.88
N ALA A 14 2.82 0.43 -4.88
CA ALA A 14 2.55 -0.13 -3.55
C ALA A 14 1.74 0.84 -2.70
N LYS A 15 1.58 2.06 -3.20
CA LYS A 15 0.83 3.08 -2.47
C LYS A 15 -0.58 2.60 -2.18
N ALA A 16 -1.20 1.94 -3.16
CA ALA A 16 -2.55 1.42 -2.98
C ALA A 16 -2.58 0.53 -1.75
N ALA A 17 -1.79 -0.53 -1.80
CA ALA A 17 -1.71 -1.46 -0.69
C ALA A 17 -1.48 -0.69 0.60
N ALA A 18 -0.43 0.11 0.59
CA ALA A 18 -0.06 0.92 1.74
C ALA A 18 -1.28 1.32 2.57
N LYS A 19 -2.27 1.93 1.92
CA LYS A 19 -3.48 2.35 2.60
C LYS A 19 -4.39 1.15 2.83
N ALA A 20 -4.96 0.62 1.74
CA ALA A 20 -5.85 -0.53 1.82
C ALA A 20 -5.34 -1.55 2.82
N ALA A 21 -4.05 -1.48 3.12
CA ALA A 21 -3.45 -2.42 4.07
C ALA A 21 -3.86 -2.07 5.49
N GLY A 22 -3.41 -0.91 5.97
CA GLY A 22 -3.75 -0.47 7.32
C GLY A 22 -5.25 -0.33 7.49
N LYS A 23 -5.90 0.28 6.51
CA LYS A 23 -7.35 0.47 6.57
C LYS A 23 -8.03 -0.77 7.14
N ALA A 24 -8.04 -1.85 6.37
CA ALA A 24 -8.66 -3.10 6.80
C ALA A 24 -8.07 -3.56 8.14
N ALA A 25 -6.89 -3.06 8.46
CA ALA A 25 -6.23 -3.43 9.71
C ALA A 25 -6.88 -2.74 10.90
N LEU A 26 -7.05 -1.42 10.80
CA LEU A 26 -7.66 -0.66 11.89
C LEU A 26 -9.14 -0.98 11.99
N ASN A 27 -9.79 -1.17 10.85
CA ASN A 27 -11.22 -1.48 10.83
C ASN A 27 -11.53 -2.64 11.77
N ALA A 28 -10.58 -3.57 11.88
CA ALA A 28 -10.76 -4.73 12.76
C ALA A 28 -10.97 -4.29 14.20
N VAL A 29 -10.10 -3.41 14.68
CA VAL A 29 -10.20 -2.91 16.05
C VAL A 29 -11.63 -2.50 16.37
N SER A 30 -12.25 -1.78 15.45
CA SER A 30 -13.62 -1.33 15.64
C SER A 30 -14.56 -2.52 15.84
N GLU A 31 -14.47 -3.48 14.93
CA GLU A 31 -15.32 -4.67 15.01
C GLU A 31 -15.08 -5.41 16.33
N ALA A 32 -13.81 -5.49 16.74
CA ALA A 32 -13.46 -6.18 17.97
C ALA A 32 -14.35 -5.71 19.12
N VAL A 33 -14.73 -4.43 19.07
CA VAL A 33 -15.58 -3.86 20.12
C VAL A 33 -16.94 -4.56 20.15
N NH2 A 34 -17.46 -4.99 19.03
HN1 NH2 A 34 -16.98 -4.85 18.18
HN2 NH2 A 34 -18.33 -5.43 19.03
N GLY A 1 19.58 -2.53 -18.17
CA GLY A 1 18.32 -2.05 -18.81
C GLY A 1 17.71 -0.94 -17.96
N LEU A 2 16.89 -0.11 -18.59
CA LEU A 2 16.24 0.99 -17.87
C LEU A 2 15.10 0.47 -17.01
N TRP A 3 15.26 -0.74 -16.49
CA TRP A 3 14.23 -1.35 -15.65
C TRP A 3 14.56 -1.13 -14.18
N SER A 4 15.67 -0.45 -13.91
CA SER A 4 16.08 -0.17 -12.54
C SER A 4 15.48 1.15 -12.06
N LYS A 5 15.36 2.11 -12.97
CA LYS A 5 14.80 3.41 -12.63
C LYS A 5 13.28 3.30 -12.44
N ILE A 6 12.80 2.07 -12.23
CA ILE A 6 11.37 1.84 -12.04
C ILE A 6 11.03 1.76 -10.55
N LYS A 7 12.02 2.04 -9.71
CA LYS A 7 11.83 1.99 -8.26
C LYS A 7 10.71 2.94 -7.85
N ALA A 8 10.93 4.24 -8.05
CA ALA A 8 9.94 5.24 -7.68
C ALA A 8 8.57 4.87 -8.23
N ALA A 9 8.57 4.19 -9.37
CA ALA A 9 7.32 3.78 -10.00
C ALA A 9 6.56 2.82 -9.10
N GLY A 10 7.30 2.09 -8.26
CA GLY A 10 6.67 1.13 -7.35
C GLY A 10 5.80 1.85 -6.33
N LYS A 11 6.40 2.75 -5.56
CA LYS A 11 5.66 3.50 -4.56
C LYS A 11 4.35 4.00 -5.16
N GLU A 12 4.39 4.28 -6.46
CA GLU A 12 3.21 4.77 -7.15
C GLU A 12 2.27 3.60 -7.46
N ALA A 13 2.84 2.42 -7.65
CA ALA A 13 2.04 1.23 -7.94
C ALA A 13 1.43 0.68 -6.65
N ALA A 14 2.08 0.96 -5.53
CA ALA A 14 1.59 0.49 -4.23
C ALA A 14 0.59 1.48 -3.65
N LYS A 15 0.55 2.68 -4.22
CA LYS A 15 -0.36 3.70 -3.74
C LYS A 15 -1.75 3.11 -3.52
N ALA A 16 -2.16 2.21 -4.40
CA ALA A 16 -3.46 1.57 -4.27
C ALA A 16 -3.59 0.95 -2.89
N ALA A 17 -2.69 0.02 -2.61
CA ALA A 17 -2.68 -0.64 -1.32
C ALA A 17 -2.72 0.39 -0.20
N ALA A 18 -1.76 1.30 -0.27
CA ALA A 18 -1.64 2.38 0.72
C ALA A 18 -3.00 2.75 1.30
N LYS A 19 -3.95 3.10 0.43
CA LYS A 19 -5.28 3.48 0.89
C LYS A 19 -6.02 2.25 1.40
N ALA A 20 -6.34 1.34 0.47
CA ALA A 20 -7.05 0.12 0.81
C ALA A 20 -6.49 -0.48 2.10
N ALA A 21 -5.27 -0.09 2.46
CA ALA A 21 -4.63 -0.59 3.66
C ALA A 21 -5.17 0.13 4.90
N GLY A 22 -4.87 1.42 5.00
CA GLY A 22 -5.33 2.22 6.13
C GLY A 22 -6.79 1.91 6.45
N LYS A 23 -7.56 1.61 5.41
CA LYS A 23 -8.97 1.30 5.58
C LYS A 23 -9.14 0.04 6.46
N ALA A 24 -8.72 -1.10 5.92
CA ALA A 24 -8.83 -2.36 6.65
C ALA A 24 -7.89 -2.36 7.85
N ALA A 25 -7.05 -1.34 7.96
CA ALA A 25 -6.12 -1.24 9.07
C ALA A 25 -6.86 -0.98 10.37
N LEU A 26 -7.81 -0.06 10.34
CA LEU A 26 -8.59 0.27 11.52
C LEU A 26 -9.54 -0.86 11.89
N ASN A 27 -9.94 -1.63 10.87
CA ASN A 27 -10.85 -2.75 11.09
C ASN A 27 -10.29 -3.70 12.14
N ALA A 28 -8.97 -3.67 12.32
CA ALA A 28 -8.32 -4.53 13.29
C ALA A 28 -8.87 -4.28 14.68
N VAL A 29 -8.73 -3.04 15.15
CA VAL A 29 -9.23 -2.67 16.47
C VAL A 29 -10.63 -3.24 16.69
N SER A 30 -11.47 -3.10 15.67
CA SER A 30 -12.84 -3.60 15.76
C SER A 30 -12.85 -5.10 15.96
N GLU A 31 -12.12 -5.83 15.11
CA GLU A 31 -12.06 -7.28 15.22
C GLU A 31 -11.59 -7.69 16.61
N ALA A 32 -10.69 -6.90 17.18
CA ALA A 32 -10.17 -7.19 18.52
C ALA A 32 -11.31 -7.52 19.46
N VAL A 33 -12.12 -6.51 19.79
CA VAL A 33 -13.25 -6.70 20.69
C VAL A 33 -14.52 -7.05 19.90
N NH2 A 34 -15.49 -7.67 20.50
HN1 NH2 A 34 -15.41 -7.91 21.45
HN2 NH2 A 34 -16.30 -7.89 20.01
N GLY A 1 11.92 4.69 -20.64
CA GLY A 1 13.24 4.33 -20.02
C GLY A 1 13.09 3.03 -19.23
N LEU A 2 14.04 2.12 -19.43
CA LEU A 2 14.01 0.84 -18.73
C LEU A 2 14.76 0.94 -17.40
N TRP A 3 16.05 1.25 -17.48
CA TRP A 3 16.87 1.38 -16.28
C TRP A 3 16.77 2.79 -15.71
N SER A 4 15.54 3.23 -15.45
CA SER A 4 15.31 4.56 -14.90
C SER A 4 14.46 4.49 -13.64
N LYS A 5 15.10 4.19 -12.51
CA LYS A 5 14.40 4.10 -11.24
C LYS A 5 13.14 3.25 -11.39
N ILE A 6 13.32 1.99 -11.75
CA ILE A 6 12.19 1.08 -11.93
C ILE A 6 11.77 0.48 -10.59
N LYS A 7 12.76 0.16 -9.76
CA LYS A 7 12.49 -0.42 -8.45
C LYS A 7 11.72 0.57 -7.58
N ALA A 8 12.04 1.85 -7.71
CA ALA A 8 11.38 2.88 -6.92
C ALA A 8 9.92 2.99 -7.32
N ALA A 9 9.65 2.72 -8.58
CA ALA A 9 8.29 2.80 -9.10
C ALA A 9 7.37 1.83 -8.35
N GLY A 10 7.93 0.69 -7.94
CA GLY A 10 7.15 -0.30 -7.21
C GLY A 10 6.48 0.32 -5.99
N LYS A 11 7.28 0.80 -5.06
CA LYS A 11 6.74 1.42 -3.86
C LYS A 11 5.59 2.36 -4.22
N GLU A 12 5.74 3.04 -5.35
CA GLU A 12 4.71 3.95 -5.83
C GLU A 12 3.57 3.17 -6.47
N ALA A 13 3.87 1.97 -6.97
CA ALA A 13 2.85 1.14 -7.60
C ALA A 13 2.11 0.33 -6.54
N ALA A 14 2.75 0.16 -5.38
CA ALA A 14 2.15 -0.60 -4.29
C ALA A 14 1.37 0.33 -3.37
N LYS A 15 1.61 1.64 -3.51
CA LYS A 15 0.92 2.61 -2.66
C LYS A 15 -0.58 2.34 -2.63
N ALA A 16 -1.09 1.78 -3.72
CA ALA A 16 -2.52 1.46 -3.79
C ALA A 16 -2.89 0.55 -2.64
N ALA A 17 -2.28 -0.62 -2.63
CA ALA A 17 -2.52 -1.59 -1.57
C ALA A 17 -2.40 -0.92 -0.21
N ALA A 18 -1.25 -0.30 -0.01
CA ALA A 18 -0.95 0.40 1.23
C ALA A 18 -2.22 0.97 1.87
N LYS A 19 -3.00 1.72 1.11
CA LYS A 19 -4.23 2.29 1.64
C LYS A 19 -5.32 1.23 1.68
N ALA A 20 -5.80 0.84 0.51
CA ALA A 20 -6.85 -0.18 0.40
C ALA A 20 -6.59 -1.32 1.39
N ALA A 21 -5.35 -1.43 1.85
CA ALA A 21 -4.98 -2.48 2.79
C ALA A 21 -5.23 -2.02 4.21
N GLY A 22 -4.47 -1.02 4.66
CA GLY A 22 -4.62 -0.51 6.01
C GLY A 22 -6.07 -0.15 6.30
N LYS A 23 -6.74 0.42 5.31
CA LYS A 23 -8.14 0.81 5.47
C LYS A 23 -8.93 -0.34 6.10
N ALA A 24 -9.11 -1.42 5.34
CA ALA A 24 -9.85 -2.57 5.84
C ALA A 24 -9.22 -3.12 7.12
N ALA A 25 -7.93 -2.82 7.29
CA ALA A 25 -7.22 -3.30 8.48
C ALA A 25 -7.69 -2.55 9.72
N LEU A 26 -7.96 -1.26 9.56
CA LEU A 26 -8.44 -0.44 10.68
C LEU A 26 -9.72 -1.03 11.26
N ASN A 27 -10.49 -1.70 10.42
CA ASN A 27 -11.75 -2.31 10.86
C ASN A 27 -11.51 -3.20 12.07
N ALA A 28 -10.45 -3.99 12.02
CA ALA A 28 -10.12 -4.90 13.12
C ALA A 28 -10.03 -4.12 14.43
N VAL A 29 -9.23 -3.06 14.45
CA VAL A 29 -9.07 -2.25 15.65
C VAL A 29 -10.42 -1.97 16.29
N SER A 30 -11.36 -1.46 15.49
CA SER A 30 -12.69 -1.14 15.99
C SER A 30 -13.37 -2.40 16.53
N GLU A 31 -13.31 -3.47 15.76
CA GLU A 31 -13.92 -4.73 16.18
C GLU A 31 -13.31 -5.22 17.49
N ALA A 32 -12.00 -5.01 17.64
CA ALA A 32 -11.30 -5.43 18.84
C ALA A 32 -12.00 -4.89 20.10
N VAL A 33 -12.25 -3.58 20.10
CA VAL A 33 -12.91 -2.95 21.24
C VAL A 33 -14.20 -3.68 21.58
N NH2 A 34 -15.16 -3.74 20.70
HN1 NH2 A 34 -15.04 -3.33 19.81
HN2 NH2 A 34 -15.99 -4.22 20.90
N GLY A 1 10.67 2.66 -22.82
CA GLY A 1 11.56 3.03 -21.67
C GLY A 1 11.60 1.89 -20.67
N LEU A 2 12.54 0.97 -20.86
CA LEU A 2 12.68 -0.16 -19.96
C LEU A 2 13.43 0.24 -18.70
N TRP A 3 13.13 -0.44 -17.60
CA TRP A 3 13.78 -0.14 -16.33
C TRP A 3 13.85 1.37 -16.09
N SER A 4 12.71 2.03 -16.20
CA SER A 4 12.66 3.48 -16.00
C SER A 4 12.68 3.81 -14.51
N LYS A 5 13.87 4.08 -13.98
CA LYS A 5 14.04 4.41 -12.56
C LYS A 5 12.99 3.69 -11.72
N ILE A 6 13.03 2.37 -11.72
CA ILE A 6 12.09 1.58 -10.95
C ILE A 6 12.04 2.06 -9.50
N LYS A 7 13.08 2.77 -9.08
CA LYS A 7 13.13 3.29 -7.72
C LYS A 7 11.85 4.03 -7.37
N ALA A 8 11.53 5.04 -8.17
CA ALA A 8 10.32 5.83 -7.93
C ALA A 8 9.08 4.96 -8.07
N ALA A 9 9.16 3.97 -8.95
CA ALA A 9 8.05 3.07 -9.17
C ALA A 9 7.67 2.33 -7.89
N GLY A 10 8.68 1.97 -7.11
CA GLY A 10 8.45 1.26 -5.86
C GLY A 10 7.42 2.00 -5.01
N LYS A 11 7.74 3.23 -4.62
CA LYS A 11 6.82 4.01 -3.81
C LYS A 11 5.42 3.92 -4.39
N GLU A 12 5.33 3.94 -5.72
CA GLU A 12 4.05 3.86 -6.40
C GLU A 12 3.58 2.41 -6.42
N ALA A 13 4.51 1.48 -6.25
CA ALA A 13 4.17 0.06 -6.25
C ALA A 13 3.75 -0.38 -4.85
N ALA A 14 4.22 0.36 -3.84
CA ALA A 14 3.89 0.05 -2.45
C ALA A 14 2.60 0.75 -2.04
N LYS A 15 2.18 1.73 -2.84
CA LYS A 15 0.95 2.47 -2.54
C LYS A 15 -0.22 1.52 -2.36
N ALA A 16 -0.25 0.47 -3.17
CA ALA A 16 -1.33 -0.51 -3.09
C ALA A 16 -1.38 -1.06 -1.67
N ALA A 17 -0.29 -1.71 -1.28
CA ALA A 17 -0.19 -2.26 0.06
C ALA A 17 -0.61 -1.24 1.08
N ALA A 18 0.03 -0.09 1.01
CA ALA A 18 -0.24 1.02 1.92
C ALA A 18 -1.70 1.02 2.37
N LYS A 19 -2.62 1.02 1.41
CA LYS A 19 -4.05 1.01 1.72
C LYS A 19 -4.50 -0.39 2.11
N ALA A 20 -4.54 -1.29 1.13
CA ALA A 20 -4.95 -2.67 1.38
C ALA A 20 -4.35 -3.19 2.69
N ALA A 21 -3.28 -2.54 3.14
CA ALA A 21 -2.62 -2.94 4.37
C ALA A 21 -3.30 -2.31 5.58
N GLY A 22 -3.19 -0.99 5.68
CA GLY A 22 -3.79 -0.27 6.80
C GLY A 22 -5.29 -0.58 6.88
N LYS A 23 -5.96 -0.55 5.74
CA LYS A 23 -7.39 -0.81 5.70
C LYS A 23 -7.73 -2.00 6.59
N ALA A 24 -7.31 -3.20 6.17
CA ALA A 24 -7.58 -4.40 6.95
C ALA A 24 -7.00 -4.29 8.36
N ALA A 25 -6.02 -3.40 8.52
CA ALA A 25 -5.41 -3.20 9.83
C ALA A 25 -6.35 -2.47 10.77
N LEU A 26 -6.80 -1.29 10.36
CA LEU A 26 -7.72 -0.51 11.18
C LEU A 26 -9.11 -1.14 11.19
N ASN A 27 -9.30 -2.12 10.32
CA ASN A 27 -10.59 -2.81 10.23
C ASN A 27 -10.94 -3.47 11.56
N ALA A 28 -9.93 -4.07 12.20
CA ALA A 28 -10.14 -4.74 13.47
C ALA A 28 -10.84 -3.80 14.45
N VAL A 29 -10.42 -2.54 14.47
CA VAL A 29 -11.02 -1.57 15.37
C VAL A 29 -12.52 -1.46 15.11
N SER A 30 -12.90 -1.38 13.85
CA SER A 30 -14.31 -1.28 13.48
C SER A 30 -15.07 -2.49 14.02
N GLU A 31 -14.49 -3.67 13.89
CA GLU A 31 -15.12 -4.88 14.37
C GLU A 31 -15.24 -4.86 15.89
N ALA A 32 -14.14 -4.48 16.55
CA ALA A 32 -14.12 -4.41 18.00
C ALA A 32 -15.13 -3.38 18.50
N VAL A 33 -14.86 -2.11 18.24
CA VAL A 33 -15.75 -1.03 18.67
C VAL A 33 -16.53 -0.48 17.47
N NH2 A 34 -17.77 -0.12 17.63
HN1 NH2 A 34 -18.20 -0.20 18.51
HN2 NH2 A 34 -18.27 0.24 16.87
N GLY A 1 18.69 -1.92 -17.26
CA GLY A 1 17.79 -3.06 -16.93
C GLY A 1 16.55 -2.54 -16.22
N LEU A 2 15.38 -2.97 -16.69
CA LEU A 2 14.12 -2.54 -16.10
C LEU A 2 14.05 -2.96 -14.64
N TRP A 3 14.77 -2.24 -13.78
CA TRP A 3 14.78 -2.54 -12.35
C TRP A 3 15.33 -1.35 -11.56
N SER A 4 16.41 -0.76 -12.06
CA SER A 4 17.02 0.38 -11.39
C SER A 4 16.36 1.68 -11.84
N LYS A 5 15.09 1.60 -12.22
CA LYS A 5 14.35 2.77 -12.68
C LYS A 5 12.85 2.48 -12.70
N ILE A 6 12.38 1.79 -11.68
CA ILE A 6 10.95 1.44 -11.58
C ILE A 6 10.38 1.91 -10.25
N LYS A 7 11.25 2.18 -9.29
CA LYS A 7 10.82 2.62 -7.97
C LYS A 7 9.93 3.86 -8.09
N ALA A 8 10.33 4.77 -8.96
CA ALA A 8 9.56 6.00 -9.17
C ALA A 8 8.07 5.70 -9.24
N ALA A 9 7.69 5.08 -10.34
CA ALA A 9 6.30 4.72 -10.56
C ALA A 9 5.80 3.77 -9.47
N GLY A 10 6.72 3.31 -8.63
CA GLY A 10 6.36 2.39 -7.56
C GLY A 10 5.52 3.09 -6.50
N LYS A 11 6.10 4.09 -5.84
CA LYS A 11 5.37 4.82 -4.81
C LYS A 11 3.97 5.17 -5.32
N GLU A 12 3.86 5.38 -6.63
CA GLU A 12 2.59 5.72 -7.24
C GLU A 12 1.77 4.45 -7.47
N ALA A 13 2.46 3.32 -7.62
CA ALA A 13 1.79 2.05 -7.83
C ALA A 13 1.40 1.42 -6.49
N ALA A 14 2.11 1.81 -5.44
CA ALA A 14 1.84 1.28 -4.11
C ALA A 14 0.86 2.18 -3.36
N LYS A 15 0.61 3.37 -3.90
CA LYS A 15 -0.31 4.30 -3.26
C LYS A 15 -1.68 3.66 -3.08
N ALA A 16 -2.19 3.03 -4.14
CA ALA A 16 -3.49 2.38 -4.05
C ALA A 16 -3.52 1.49 -2.83
N ALA A 17 -2.60 0.54 -2.81
CA ALA A 17 -2.48 -0.38 -1.68
C ALA A 17 -2.51 0.41 -0.38
N ALA A 18 -1.60 1.36 -0.30
CA ALA A 18 -1.48 2.22 0.89
C ALA A 18 -2.86 2.48 1.52
N LYS A 19 -3.71 3.19 0.80
CA LYS A 19 -5.05 3.50 1.31
C LYS A 19 -5.89 2.23 1.32
N ALA A 20 -6.17 1.70 0.13
CA ALA A 20 -6.98 0.49 0.01
C ALA A 20 -6.63 -0.51 1.10
N ALA A 21 -5.40 -0.44 1.60
CA ALA A 21 -4.95 -1.35 2.65
C ALA A 21 -5.19 -0.74 4.02
N GLY A 22 -4.45 0.33 4.33
CA GLY A 22 -4.60 1.00 5.61
C GLY A 22 -6.07 1.14 6.00
N LYS A 23 -6.88 1.58 5.05
CA LYS A 23 -8.30 1.76 5.29
C LYS A 23 -8.88 0.51 5.97
N ALA A 24 -8.95 -0.58 5.22
CA ALA A 24 -9.48 -1.83 5.75
C ALA A 24 -8.64 -2.31 6.93
N ALA A 25 -7.35 -2.00 6.89
CA ALA A 25 -6.45 -2.42 7.96
C ALA A 25 -7.00 -2.01 9.32
N LEU A 26 -7.57 -0.81 9.39
CA LEU A 26 -8.14 -0.31 10.63
C LEU A 26 -9.19 -1.27 11.16
N ASN A 27 -9.89 -1.94 10.25
CA ASN A 27 -10.92 -2.89 10.65
C ASN A 27 -10.37 -3.92 11.63
N ALA A 28 -9.16 -4.37 11.39
CA ALA A 28 -8.53 -5.36 12.25
C ALA A 28 -8.68 -4.95 13.72
N VAL A 29 -8.32 -3.70 14.02
CA VAL A 29 -8.42 -3.20 15.38
C VAL A 29 -9.79 -3.51 15.97
N SER A 30 -10.82 -3.48 15.13
CA SER A 30 -12.18 -3.76 15.58
C SER A 30 -12.29 -5.19 16.09
N GLU A 31 -11.73 -6.13 15.34
CA GLU A 31 -11.76 -7.54 15.73
C GLU A 31 -11.06 -7.75 17.07
N ALA A 32 -9.91 -7.11 17.23
CA ALA A 32 -9.15 -7.24 18.48
C ALA A 32 -10.08 -7.12 19.68
N VAL A 33 -10.31 -5.89 20.12
CA VAL A 33 -11.19 -5.66 21.28
C VAL A 33 -12.57 -6.26 21.03
N NH2 A 34 -12.99 -6.42 19.81
HN1 NH2 A 34 -12.41 -6.16 19.05
HN2 NH2 A 34 -13.87 -6.81 19.64
N GLY A 1 14.52 -1.81 -22.38
CA GLY A 1 13.61 -1.06 -21.46
C GLY A 1 14.44 -0.09 -20.63
N LEU A 2 13.79 0.95 -20.12
CA LEU A 2 14.47 1.95 -19.30
C LEU A 2 14.45 1.53 -17.82
N TRP A 3 15.30 0.56 -17.47
CA TRP A 3 15.37 0.08 -16.10
C TRP A 3 16.40 0.88 -15.31
N SER A 4 16.68 2.10 -15.77
CA SER A 4 17.66 2.96 -15.10
C SER A 4 16.98 3.83 -14.05
N LYS A 5 15.70 4.13 -14.26
CA LYS A 5 14.95 4.96 -13.32
C LYS A 5 13.51 4.49 -13.22
N ILE A 6 13.27 3.42 -12.46
CA ILE A 6 11.93 2.88 -12.29
C ILE A 6 11.66 2.59 -10.82
N LYS A 7 12.64 2.85 -9.98
CA LYS A 7 12.50 2.60 -8.55
C LYS A 7 11.32 3.39 -7.99
N ALA A 8 11.12 4.60 -8.50
CA ALA A 8 10.03 5.45 -8.04
C ALA A 8 8.68 4.82 -8.41
N ALA A 9 8.67 4.12 -9.53
CA ALA A 9 7.46 3.47 -9.99
C ALA A 9 6.98 2.44 -8.99
N GLY A 10 7.93 1.77 -8.33
CA GLY A 10 7.60 0.75 -7.35
C GLY A 10 6.83 1.36 -6.18
N LYS A 11 7.44 2.34 -5.53
CA LYS A 11 6.78 3.00 -4.40
C LYS A 11 5.35 3.36 -4.77
N GLU A 12 5.14 3.66 -6.04
CA GLU A 12 3.82 4.01 -6.53
C GLU A 12 2.99 2.74 -6.73
N ALA A 13 3.67 1.63 -6.95
CA ALA A 13 2.99 0.35 -7.15
C ALA A 13 2.58 -0.24 -5.80
N ALA A 14 3.27 0.17 -4.74
CA ALA A 14 2.98 -0.32 -3.40
C ALA A 14 1.94 0.57 -2.73
N LYS A 15 1.56 1.65 -3.41
CA LYS A 15 0.58 2.58 -2.86
C LYS A 15 -0.75 1.87 -2.63
N ALA A 16 -1.08 0.94 -3.52
CA ALA A 16 -2.33 0.19 -3.40
C ALA A 16 -2.39 -0.45 -2.02
N ALA A 17 -1.43 -1.32 -1.76
CA ALA A 17 -1.35 -2.00 -0.47
C ALA A 17 -1.46 -0.99 0.66
N ALA A 18 -0.58 0.00 0.61
CA ALA A 18 -0.54 1.07 1.60
C ALA A 18 -1.93 1.34 2.18
N LYS A 19 -2.88 1.66 1.31
CA LYS A 19 -4.25 1.93 1.77
C LYS A 19 -4.92 0.64 2.21
N ALA A 20 -5.17 -0.23 1.23
CA ALA A 20 -5.82 -1.50 1.51
C ALA A 20 -5.27 -2.12 2.80
N ALA A 21 -4.08 -1.68 3.21
CA ALA A 21 -3.46 -2.19 4.42
C ALA A 21 -4.09 -1.56 5.66
N GLY A 22 -3.88 -0.26 5.82
CA GLY A 22 -4.44 0.45 6.96
C GLY A 22 -5.97 0.42 6.93
N LYS A 23 -6.53 0.50 5.72
CA LYS A 23 -7.98 0.48 5.57
C LYS A 23 -8.58 -0.66 6.40
N ALA A 24 -8.34 -1.88 5.96
CA ALA A 24 -8.86 -3.05 6.67
C ALA A 24 -8.44 -3.02 8.14
N ALA A 25 -7.26 -2.44 8.40
CA ALA A 25 -6.76 -2.34 9.76
C ALA A 25 -7.71 -1.53 10.63
N LEU A 26 -8.53 -0.69 9.99
CA LEU A 26 -9.49 0.14 10.71
C LEU A 26 -10.65 -0.70 11.22
N ASN A 27 -11.15 -1.59 10.38
CA ASN A 27 -12.26 -2.46 10.75
C ASN A 27 -11.90 -3.28 11.99
N ALA A 28 -10.63 -3.65 12.10
CA ALA A 28 -10.16 -4.44 13.24
C ALA A 28 -10.61 -3.79 14.55
N VAL A 29 -10.25 -2.54 14.74
CA VAL A 29 -10.62 -1.82 15.96
C VAL A 29 -12.08 -2.06 16.29
N SER A 30 -12.93 -2.02 15.27
CA SER A 30 -14.36 -2.24 15.47
C SER A 30 -14.61 -3.62 16.06
N GLU A 31 -14.05 -4.64 15.42
CA GLU A 31 -14.22 -6.02 15.88
C GLU A 31 -13.63 -6.17 17.28
N ALA A 32 -12.45 -5.60 17.50
CA ALA A 32 -11.79 -5.69 18.80
C ALA A 32 -12.78 -5.35 19.91
N VAL A 33 -13.35 -4.16 19.86
CA VAL A 33 -14.30 -3.73 20.88
C VAL A 33 -15.62 -4.48 20.72
N NH2 A 34 -16.64 -3.90 20.15
HN1 NH2 A 34 -16.55 -2.97 19.83
HN2 NH2 A 34 -17.48 -4.37 20.05
N GLY A 1 14.07 -4.92 -14.45
CA GLY A 1 14.30 -4.52 -15.86
C GLY A 1 15.44 -3.51 -15.94
N LEU A 2 16.67 -4.03 -15.98
CA LEU A 2 17.85 -3.16 -16.06
C LEU A 2 17.79 -2.09 -14.97
N TRP A 3 16.94 -2.31 -13.98
CA TRP A 3 16.80 -1.35 -12.88
C TRP A 3 16.71 0.07 -13.43
N SER A 4 15.65 0.36 -14.17
CA SER A 4 15.46 1.69 -14.74
C SER A 4 14.70 2.59 -13.78
N LYS A 5 15.18 2.69 -12.55
CA LYS A 5 14.54 3.52 -11.54
C LYS A 5 13.03 3.30 -11.55
N ILE A 6 12.62 2.03 -11.54
CA ILE A 6 11.20 1.70 -11.55
C ILE A 6 10.57 1.99 -10.20
N LYS A 7 11.41 2.29 -9.21
CA LYS A 7 10.93 2.58 -7.87
C LYS A 7 9.93 3.74 -7.89
N ALA A 8 10.14 4.69 -8.80
CA ALA A 8 9.26 5.84 -8.91
C ALA A 8 7.84 5.39 -9.24
N ALA A 9 7.74 4.31 -10.00
CA ALA A 9 6.45 3.77 -10.39
C ALA A 9 5.78 3.07 -9.21
N GLY A 10 6.57 2.34 -8.44
CA GLY A 10 6.05 1.62 -7.28
C GLY A 10 5.21 2.55 -6.40
N LYS A 11 5.83 3.61 -5.92
CA LYS A 11 5.12 4.56 -5.06
C LYS A 11 3.75 4.88 -5.67
N GLU A 12 3.72 4.98 -6.99
CA GLU A 12 2.47 5.27 -7.69
C GLU A 12 1.63 4.01 -7.82
N ALA A 13 2.29 2.85 -7.72
CA ALA A 13 1.59 1.58 -7.81
C ALA A 13 1.12 1.13 -6.43
N ALA A 14 1.77 1.63 -5.40
CA ALA A 14 1.42 1.28 -4.02
C ALA A 14 0.43 2.28 -3.46
N LYS A 15 0.35 3.46 -4.08
CA LYS A 15 -0.57 4.49 -3.63
C LYS A 15 -1.95 3.89 -3.35
N ALA A 16 -2.41 3.02 -4.24
CA ALA A 16 -3.70 2.37 -4.05
C ALA A 16 -3.73 1.68 -2.71
N ALA A 17 -2.83 0.70 -2.56
CA ALA A 17 -2.73 -0.04 -1.31
C ALA A 17 -2.67 0.92 -0.14
N ALA A 18 -1.72 1.83 -0.23
CA ALA A 18 -1.50 2.84 0.80
C ALA A 18 -2.81 3.20 1.51
N LYS A 19 -3.83 3.55 0.72
CA LYS A 19 -5.13 3.90 1.29
C LYS A 19 -5.89 2.64 1.68
N ALA A 20 -6.35 1.91 0.67
CA ALA A 20 -7.11 0.69 0.89
C ALA A 20 -6.46 -0.16 1.99
N ALA A 21 -5.20 0.14 2.30
CA ALA A 21 -4.49 -0.59 3.33
C ALA A 21 -4.96 -0.17 4.72
N GLY A 22 -4.67 1.08 5.08
CA GLY A 22 -5.08 1.60 6.39
C GLY A 22 -6.51 1.18 6.72
N LYS A 23 -7.44 1.48 5.82
CA LYS A 23 -8.83 1.14 6.03
C LYS A 23 -8.96 -0.26 6.64
N ALA A 24 -8.64 -1.27 5.85
CA ALA A 24 -8.73 -2.65 6.32
C ALA A 24 -7.81 -2.88 7.51
N ALA A 25 -6.82 -1.99 7.68
CA ALA A 25 -5.89 -2.12 8.79
C ALA A 25 -6.58 -1.80 10.12
N LEU A 26 -7.06 -0.57 10.26
CA LEU A 26 -7.74 -0.16 11.48
C LEU A 26 -8.96 -1.03 11.72
N ASN A 27 -9.65 -1.39 10.65
CA ASN A 27 -10.84 -2.22 10.76
C ASN A 27 -10.52 -3.54 11.45
N ALA A 28 -9.39 -4.12 11.08
CA ALA A 28 -8.97 -5.39 11.68
C ALA A 28 -8.82 -5.26 13.19
N VAL A 29 -7.85 -4.45 13.60
CA VAL A 29 -7.60 -4.24 15.02
C VAL A 29 -8.93 -4.04 15.77
N SER A 30 -9.81 -3.24 15.20
CA SER A 30 -11.11 -2.99 15.82
C SER A 30 -11.90 -4.28 15.92
N GLU A 31 -11.97 -5.03 14.82
CA GLU A 31 -12.71 -6.29 14.80
C GLU A 31 -12.13 -7.27 15.81
N ALA A 32 -10.81 -7.41 15.79
CA ALA A 32 -10.14 -8.32 16.71
C ALA A 32 -10.62 -8.10 18.14
N VAL A 33 -10.09 -7.07 18.78
CA VAL A 33 -10.48 -6.75 20.16
C VAL A 33 -11.71 -5.85 20.17
N NH2 A 34 -11.60 -4.62 19.77
HN1 NH2 A 34 -10.73 -4.27 19.47
HN2 NH2 A 34 -12.39 -4.02 19.78
N GLY A 1 11.60 0.48 -20.17
CA GLY A 1 12.41 0.31 -21.43
C GLY A 1 13.82 0.84 -21.19
N LEU A 2 13.91 2.00 -20.55
CA LEU A 2 15.20 2.62 -20.27
C LEU A 2 15.84 1.98 -19.04
N TRP A 3 15.03 1.24 -18.28
CA TRP A 3 15.52 0.59 -17.07
C TRP A 3 16.29 1.58 -16.20
N SER A 4 15.57 2.48 -15.56
CA SER A 4 16.19 3.49 -14.70
C SER A 4 15.25 3.87 -13.56
N LYS A 5 14.07 4.38 -13.91
CA LYS A 5 13.09 4.78 -12.91
C LYS A 5 12.34 3.57 -12.39
N ILE A 6 12.95 2.41 -12.50
CA ILE A 6 12.32 1.17 -12.04
C ILE A 6 12.25 1.14 -10.52
N LYS A 7 12.90 2.11 -9.87
CA LYS A 7 12.90 2.20 -8.42
C LYS A 7 11.61 2.81 -7.92
N ALA A 8 11.54 4.14 -7.93
CA ALA A 8 10.35 4.85 -7.46
C ALA A 8 9.09 4.13 -7.93
N ALA A 9 9.18 3.50 -9.08
CA ALA A 9 8.05 2.77 -9.65
C ALA A 9 7.39 1.90 -8.58
N GLY A 10 8.20 1.19 -7.81
CA GLY A 10 7.68 0.32 -6.76
C GLY A 10 6.87 1.13 -5.75
N LYS A 11 7.51 2.12 -5.13
CA LYS A 11 6.82 2.95 -4.15
C LYS A 11 5.47 3.38 -4.70
N GLU A 12 5.42 3.63 -6.00
CA GLU A 12 4.19 4.03 -6.65
C GLU A 12 3.30 2.82 -6.90
N ALA A 13 3.91 1.64 -6.94
CA ALA A 13 3.16 0.41 -7.17
C ALA A 13 2.64 -0.14 -5.85
N ALA A 14 3.34 0.18 -4.76
CA ALA A 14 2.94 -0.29 -3.43
C ALA A 14 1.96 0.69 -2.80
N LYS A 15 1.88 1.89 -3.35
CA LYS A 15 0.98 2.91 -2.84
C LYS A 15 -0.41 2.34 -2.62
N ALA A 16 -0.86 1.52 -3.57
CA ALA A 16 -2.18 0.90 -3.46
C ALA A 16 -2.27 0.14 -2.14
N ALA A 17 -1.39 -0.84 -2.00
CA ALA A 17 -1.34 -1.64 -0.79
C ALA A 17 -1.32 -0.73 0.43
N ALA A 18 -0.35 0.17 0.41
CA ALA A 18 -0.17 1.13 1.49
C ALA A 18 -1.51 1.47 2.16
N LYS A 19 -2.49 1.90 1.37
CA LYS A 19 -3.79 2.25 1.91
C LYS A 19 -4.58 0.98 2.24
N ALA A 20 -4.97 0.25 1.20
CA ALA A 20 -5.73 -0.98 1.38
C ALA A 20 -5.16 -1.82 2.52
N ALA A 21 -3.94 -1.51 2.92
CA ALA A 21 -3.29 -2.24 4.01
C ALA A 21 -3.91 -1.87 5.35
N GLY A 22 -3.71 -0.62 5.75
CA GLY A 22 -4.26 -0.13 7.02
C GLY A 22 -5.77 -0.28 7.04
N LYS A 23 -6.41 -0.11 5.89
CA LYS A 23 -7.85 -0.22 5.79
C LYS A 23 -8.33 -1.48 6.51
N ALA A 24 -8.00 -2.64 5.93
CA ALA A 24 -8.39 -3.92 6.50
C ALA A 24 -7.88 -4.04 7.94
N ALA A 25 -6.95 -3.17 8.31
CA ALA A 25 -6.39 -3.20 9.66
C ALA A 25 -7.29 -2.44 10.64
N LEU A 26 -8.17 -1.61 10.09
CA LEU A 26 -9.07 -0.83 10.94
C LEU A 26 -10.38 -1.57 11.15
N ASN A 27 -10.71 -2.48 10.23
CA ASN A 27 -11.94 -3.25 10.33
C ASN A 27 -12.02 -3.97 11.68
N ALA A 28 -10.90 -4.56 12.10
CA ALA A 28 -10.86 -5.28 13.36
C ALA A 28 -11.04 -4.31 14.53
N VAL A 29 -10.11 -3.38 14.67
CA VAL A 29 -10.18 -2.40 15.75
C VAL A 29 -11.61 -1.90 15.94
N SER A 30 -12.36 -1.81 14.85
CA SER A 30 -13.74 -1.36 14.92
C SER A 30 -14.58 -2.33 15.73
N GLU A 31 -14.57 -3.60 15.32
CA GLU A 31 -15.34 -4.62 16.01
C GLU A 31 -14.75 -4.91 17.39
N ALA A 32 -13.43 -4.78 17.49
CA ALA A 32 -12.75 -5.03 18.76
C ALA A 32 -13.49 -4.35 19.91
N VAL A 33 -13.53 -3.02 19.88
CA VAL A 33 -14.22 -2.27 20.93
C VAL A 33 -15.71 -2.61 20.95
N NH2 A 34 -16.21 -3.23 21.98
HN1 NH2 A 34 -15.63 -3.47 22.73
HN2 NH2 A 34 -17.16 -3.45 22.00
N GLY A 1 12.37 5.64 -19.29
CA GLY A 1 13.26 5.20 -20.41
C GLY A 1 14.03 3.95 -19.99
N LEU A 2 14.68 4.03 -18.82
CA LEU A 2 15.44 2.91 -18.30
C LEU A 2 14.55 1.95 -17.53
N TRP A 3 14.94 0.68 -17.50
CA TRP A 3 14.17 -0.33 -16.78
C TRP A 3 14.77 -0.58 -15.39
N SER A 4 15.70 0.28 -15.00
CA SER A 4 16.36 0.14 -13.70
C SER A 4 15.61 0.94 -12.63
N LYS A 5 14.91 1.99 -13.06
CA LYS A 5 14.16 2.82 -12.14
C LYS A 5 13.00 2.05 -11.53
N ILE A 6 12.94 0.76 -11.82
CA ILE A 6 11.88 -0.10 -11.30
C ILE A 6 11.77 0.04 -9.80
N LYS A 7 12.86 0.43 -9.16
CA LYS A 7 12.89 0.60 -7.71
C LYS A 7 11.87 1.67 -7.28
N ALA A 8 11.84 2.77 -8.01
CA ALA A 8 10.93 3.86 -7.69
C ALA A 8 9.48 3.43 -7.91
N ALA A 9 9.30 2.55 -8.88
CA ALA A 9 7.97 2.05 -9.21
C ALA A 9 7.33 1.38 -8.00
N GLY A 10 8.15 0.93 -7.06
CA GLY A 10 7.65 0.27 -5.86
C GLY A 10 6.67 1.18 -5.12
N LYS A 11 7.14 2.34 -4.68
CA LYS A 11 6.28 3.28 -3.96
C LYS A 11 4.94 3.41 -4.69
N GLU A 12 5.01 3.37 -6.02
CA GLU A 12 3.80 3.49 -6.83
C GLU A 12 3.06 2.15 -6.85
N ALA A 13 3.79 1.07 -6.59
CA ALA A 13 3.20 -0.26 -6.59
C ALA A 13 2.60 -0.58 -5.22
N ALA A 14 3.12 0.09 -4.19
CA ALA A 14 2.63 -0.13 -2.82
C ALA A 14 1.52 0.86 -2.49
N LYS A 15 1.36 1.87 -3.33
CA LYS A 15 0.33 2.88 -3.09
C LYS A 15 -1.04 2.22 -2.97
N ALA A 16 -1.28 1.19 -3.77
CA ALA A 16 -2.54 0.47 -3.72
C ALA A 16 -2.78 -0.03 -2.31
N ALA A 17 -1.89 -0.87 -1.85
CA ALA A 17 -1.98 -1.41 -0.49
C ALA A 17 -2.20 -0.28 0.49
N ALA A 18 -1.29 0.67 0.44
CA ALA A 18 -1.34 1.85 1.32
C ALA A 18 -2.78 2.21 1.68
N LYS A 19 -3.61 2.44 0.67
CA LYS A 19 -5.00 2.79 0.90
C LYS A 19 -5.81 1.56 1.28
N ALA A 20 -6.02 0.69 0.31
CA ALA A 20 -6.78 -0.54 0.53
C ALA A 20 -6.42 -1.15 1.87
N ALA A 21 -5.23 -0.81 2.39
CA ALA A 21 -4.78 -1.33 3.67
C ALA A 21 -5.37 -0.54 4.82
N GLY A 22 -4.96 0.73 4.93
CA GLY A 22 -5.45 1.60 5.99
C GLY A 22 -6.96 1.48 6.13
N LYS A 23 -7.65 1.31 5.01
CA LYS A 23 -9.10 1.18 5.02
C LYS A 23 -9.53 0.00 5.90
N ALA A 24 -9.22 -1.21 5.44
CA ALA A 24 -9.58 -2.40 6.18
C ALA A 24 -8.83 -2.47 7.52
N ALA A 25 -7.88 -1.56 7.70
CA ALA A 25 -7.11 -1.52 8.94
C ALA A 25 -7.96 -0.99 10.09
N LEU A 26 -8.38 0.26 9.98
CA LEU A 26 -9.20 0.88 11.02
C LEU A 26 -10.38 -0.02 11.37
N ASN A 27 -10.99 -0.60 10.35
CA ASN A 27 -12.13 -1.48 10.57
C ASN A 27 -11.74 -2.67 11.42
N ALA A 28 -10.58 -3.25 11.12
CA ALA A 28 -10.09 -4.40 11.88
C ALA A 28 -9.91 -4.04 13.35
N VAL A 29 -9.30 -2.89 13.61
CA VAL A 29 -9.07 -2.44 14.98
C VAL A 29 -10.31 -2.66 15.83
N SER A 30 -11.45 -2.19 15.34
CA SER A 30 -12.71 -2.34 16.07
C SER A 30 -12.98 -3.81 16.37
N GLU A 31 -12.82 -4.66 15.36
CA GLU A 31 -13.04 -6.08 15.52
C GLU A 31 -12.06 -6.66 16.54
N ALA A 32 -10.78 -6.37 16.36
CA ALA A 32 -9.75 -6.86 17.27
C ALA A 32 -10.12 -6.55 18.72
N VAL A 33 -10.42 -5.28 18.98
CA VAL A 33 -10.78 -4.85 20.33
C VAL A 33 -12.27 -4.52 20.40
N NH2 A 34 -13.14 -5.45 20.12
HN1 NH2 A 34 -12.84 -6.35 19.85
HN2 NH2 A 34 -14.10 -5.26 20.16
N GLY A 1 19.53 4.99 -19.07
CA GLY A 1 19.42 4.11 -17.87
C GLY A 1 18.01 3.54 -17.80
N LEU A 2 17.84 2.33 -18.33
CA LEU A 2 16.53 1.68 -18.30
C LEU A 2 16.20 1.18 -16.91
N TRP A 3 16.41 -0.11 -16.68
CA TRP A 3 16.14 -0.70 -15.38
C TRP A 3 16.74 0.15 -14.27
N SER A 4 15.88 0.73 -13.43
CA SER A 4 16.34 1.58 -12.34
C SER A 4 15.16 2.24 -11.64
N LYS A 5 14.08 2.44 -12.38
CA LYS A 5 12.88 3.06 -11.82
C LYS A 5 11.67 2.15 -11.99
N ILE A 6 11.89 0.97 -12.57
CA ILE A 6 10.81 0.02 -12.78
C ILE A 6 10.35 -0.57 -11.46
N LYS A 7 11.26 -0.62 -10.49
CA LYS A 7 10.93 -1.18 -9.18
C LYS A 7 10.10 -0.19 -8.38
N ALA A 8 10.50 1.08 -8.39
CA ALA A 8 9.78 2.11 -7.67
C ALA A 8 8.41 2.34 -8.28
N ALA A 9 8.32 2.14 -9.58
CA ALA A 9 7.07 2.31 -10.31
C ALA A 9 5.93 1.61 -9.59
N GLY A 10 6.18 0.38 -9.15
CA GLY A 10 5.17 -0.39 -8.45
C GLY A 10 4.81 0.25 -7.12
N LYS A 11 5.82 0.43 -6.26
CA LYS A 11 5.58 1.06 -4.97
C LYS A 11 4.75 2.32 -5.14
N GLU A 12 4.87 2.94 -6.32
CA GLU A 12 4.13 4.15 -6.62
C GLU A 12 2.72 3.79 -7.10
N ALA A 13 2.58 2.60 -7.67
CA ALA A 13 1.27 2.15 -8.15
C ALA A 13 0.50 1.47 -7.04
N ALA A 14 1.23 0.93 -6.06
CA ALA A 14 0.60 0.26 -4.93
C ALA A 14 0.31 1.26 -3.82
N LYS A 15 0.96 2.43 -3.89
CA LYS A 15 0.76 3.46 -2.88
C LYS A 15 -0.72 3.62 -2.56
N ALA A 16 -1.57 3.51 -3.58
CA ALA A 16 -3.00 3.63 -3.38
C ALA A 16 -3.46 2.59 -2.36
N ALA A 17 -3.25 1.34 -2.71
CA ALA A 17 -3.62 0.24 -1.82
C ALA A 17 -3.08 0.51 -0.43
N ALA A 18 -1.78 0.74 -0.39
CA ALA A 18 -1.08 1.02 0.87
C ALA A 18 -2.00 1.71 1.88
N LYS A 19 -2.58 2.83 1.49
CA LYS A 19 -3.48 3.56 2.38
C LYS A 19 -4.81 2.81 2.51
N ALA A 20 -5.55 2.79 1.41
CA ALA A 20 -6.85 2.10 1.40
C ALA A 20 -6.74 0.74 2.08
N ALA A 21 -5.52 0.26 2.25
CA ALA A 21 -5.29 -1.03 2.89
C ALA A 21 -5.12 -0.85 4.39
N GLY A 22 -4.03 -0.19 4.79
CA GLY A 22 -3.75 0.04 6.19
C GLY A 22 -5.00 0.58 6.89
N LYS A 23 -5.75 1.40 6.18
CA LYS A 23 -6.97 1.99 6.74
C LYS A 23 -7.90 0.88 7.23
N ALA A 24 -8.46 0.12 6.30
CA ALA A 24 -9.37 -0.96 6.65
C ALA A 24 -8.66 -2.00 7.51
N ALA A 25 -7.33 -1.98 7.49
CA ALA A 25 -6.55 -2.92 8.28
C ALA A 25 -6.71 -2.64 9.77
N LEU A 26 -6.63 -1.37 10.15
CA LEU A 26 -6.78 -0.98 11.55
C LEU A 26 -8.21 -1.21 12.03
N ASN A 27 -9.15 -1.12 11.10
CA ASN A 27 -10.56 -1.31 11.45
C ASN A 27 -10.75 -2.62 12.23
N ALA A 28 -9.99 -3.64 11.85
CA ALA A 28 -10.09 -4.93 12.52
C ALA A 28 -9.93 -4.77 14.02
N VAL A 29 -9.11 -3.81 14.43
CA VAL A 29 -8.88 -3.56 15.85
C VAL A 29 -10.19 -3.37 16.59
N SER A 30 -11.02 -2.46 16.08
CA SER A 30 -12.31 -2.19 16.69
C SER A 30 -13.17 -3.45 16.73
N GLU A 31 -13.25 -4.14 15.59
CA GLU A 31 -14.04 -5.35 15.50
C GLU A 31 -13.51 -6.41 16.46
N ALA A 32 -12.20 -6.42 16.65
CA ALA A 32 -11.57 -7.38 17.56
C ALA A 32 -12.17 -7.27 18.96
N VAL A 33 -12.61 -6.08 19.31
CA VAL A 33 -13.21 -5.85 20.63
C VAL A 33 -14.58 -6.51 20.71
N NH2 A 34 -14.68 -7.81 20.66
HN1 NH2 A 34 -13.87 -8.36 20.56
HN2 NH2 A 34 -15.55 -8.24 20.71
N GLY A 1 15.52 0.28 -19.48
CA GLY A 1 14.27 -0.12 -18.79
C GLY A 1 14.55 -1.30 -17.86
N LEU A 2 15.79 -1.74 -17.84
CA LEU A 2 16.18 -2.87 -16.99
C LEU A 2 16.28 -2.43 -15.53
N TRP A 3 16.90 -1.27 -15.31
CA TRP A 3 17.06 -0.76 -13.95
C TRP A 3 17.36 0.74 -13.98
N SER A 4 16.43 1.51 -14.53
CA SER A 4 16.60 2.96 -14.61
C SER A 4 16.04 3.63 -13.36
N LYS A 5 14.73 3.50 -13.15
CA LYS A 5 14.09 4.09 -11.99
C LYS A 5 12.74 3.43 -11.74
N ILE A 6 12.75 2.10 -11.61
CA ILE A 6 11.53 1.36 -11.36
C ILE A 6 11.14 1.44 -9.89
N LYS A 7 12.04 1.98 -9.08
CA LYS A 7 11.77 2.12 -7.65
C LYS A 7 10.54 2.97 -7.40
N ALA A 8 10.49 4.14 -8.02
CA ALA A 8 9.35 5.04 -7.85
C ALA A 8 8.07 4.41 -8.38
N ALA A 9 8.23 3.58 -9.40
CA ALA A 9 7.09 2.91 -10.01
C ALA A 9 6.36 2.06 -8.98
N GLY A 10 7.09 1.18 -8.31
CA GLY A 10 6.50 0.32 -7.30
C GLY A 10 5.77 1.14 -6.24
N LYS A 11 6.51 2.01 -5.56
CA LYS A 11 5.91 2.84 -4.53
C LYS A 11 4.59 3.43 -5.04
N GLU A 12 4.58 3.78 -6.32
CA GLU A 12 3.38 4.34 -6.92
C GLU A 12 2.36 3.24 -7.20
N ALA A 13 2.85 2.01 -7.34
CA ALA A 13 1.97 0.87 -7.60
C ALA A 13 1.36 0.38 -6.29
N ALA A 14 2.04 0.68 -5.18
CA ALA A 14 1.54 0.27 -3.87
C ALA A 14 0.62 1.33 -3.28
N LYS A 15 0.63 2.51 -3.88
CA LYS A 15 -0.22 3.60 -3.40
C LYS A 15 -1.66 3.13 -3.25
N ALA A 16 -2.09 2.24 -4.14
CA ALA A 16 -3.45 1.70 -4.07
C ALA A 16 -3.65 1.00 -2.74
N ALA A 17 -2.88 -0.06 -2.54
CA ALA A 17 -2.94 -0.82 -1.30
C ALA A 17 -2.82 0.11 -0.11
N ALA A 18 -1.73 0.87 -0.11
CA ALA A 18 -1.45 1.81 0.97
C ALA A 18 -2.74 2.35 1.58
N LYS A 19 -3.64 2.84 0.74
CA LYS A 19 -4.91 3.38 1.24
C LYS A 19 -5.85 2.23 1.57
N ALA A 20 -6.36 1.58 0.53
CA ALA A 20 -7.29 0.46 0.72
C ALA A 20 -6.83 -0.45 1.86
N ALA A 21 -5.55 -0.34 2.22
CA ALA A 21 -5.00 -1.14 3.30
C ALA A 21 -5.22 -0.47 4.65
N GLY A 22 -4.48 0.61 4.88
CA GLY A 22 -4.59 1.34 6.15
C GLY A 22 -6.05 1.44 6.59
N LYS A 23 -6.90 1.97 5.72
CA LYS A 23 -8.31 2.12 6.04
C LYS A 23 -8.84 0.86 6.75
N ALA A 24 -8.91 -0.24 6.01
CA ALA A 24 -9.40 -1.48 6.57
C ALA A 24 -8.50 -1.97 7.71
N ALA A 25 -7.27 -1.47 7.73
CA ALA A 25 -6.33 -1.87 8.77
C ALA A 25 -6.79 -1.38 10.14
N LEU A 26 -7.25 -0.13 10.20
CA LEU A 26 -7.73 0.43 11.45
C LEU A 26 -9.00 -0.26 11.91
N ASN A 27 -9.89 -0.54 10.95
CA ASN A 27 -11.15 -1.20 11.26
C ASN A 27 -10.89 -2.56 11.93
N ALA A 28 -9.83 -3.22 11.50
CA ALA A 28 -9.47 -4.52 12.06
C ALA A 28 -9.44 -4.46 13.58
N VAL A 29 -8.77 -3.44 14.11
CA VAL A 29 -8.67 -3.28 15.55
C VAL A 29 -10.03 -3.48 16.22
N SER A 30 -11.09 -2.97 15.57
CA SER A 30 -12.43 -3.11 16.11
C SER A 30 -12.80 -4.58 16.25
N GLU A 31 -12.67 -5.33 15.16
CA GLU A 31 -12.99 -6.75 15.17
C GLU A 31 -12.09 -7.49 16.15
N ALA A 32 -10.79 -7.26 16.04
CA ALA A 32 -9.83 -7.93 16.93
C ALA A 32 -10.29 -7.82 18.38
N VAL A 33 -10.98 -6.73 18.70
CA VAL A 33 -11.47 -6.51 20.06
C VAL A 33 -12.80 -5.76 20.04
N NH2 A 34 -13.89 -6.38 20.39
HN1 NH2 A 34 -13.86 -7.32 20.66
HN2 NH2 A 34 -14.75 -5.90 20.38
N GLY A 1 16.53 1.25 -19.68
CA GLY A 1 17.29 -0.02 -19.88
C GLY A 1 17.62 -0.64 -18.53
N LEU A 2 17.31 0.09 -17.46
CA LEU A 2 17.57 -0.39 -16.11
C LEU A 2 16.26 -0.64 -15.36
N TRP A 3 16.31 -1.52 -14.37
CA TRP A 3 15.12 -1.84 -13.58
C TRP A 3 14.90 -0.78 -12.50
N SER A 4 15.59 0.35 -12.63
CA SER A 4 15.46 1.43 -11.67
C SER A 4 14.40 2.43 -12.10
N LYS A 5 13.73 2.12 -13.22
CA LYS A 5 12.68 3.00 -13.74
C LYS A 5 11.31 2.51 -13.29
N ILE A 6 11.09 1.20 -13.36
CA ILE A 6 9.81 0.64 -12.96
C ILE A 6 9.63 0.73 -11.44
N LYS A 7 10.74 0.86 -10.72
CA LYS A 7 10.69 0.96 -9.27
C LYS A 7 9.92 2.22 -8.85
N ALA A 8 10.47 3.38 -9.18
CA ALA A 8 9.82 4.64 -8.82
C ALA A 8 8.35 4.60 -9.19
N ALA A 9 8.04 3.88 -10.26
CA ALA A 9 6.67 3.77 -10.73
C ALA A 9 5.86 2.86 -9.79
N GLY A 10 6.46 1.73 -9.42
CA GLY A 10 5.78 0.79 -8.54
C GLY A 10 5.31 1.48 -7.26
N LYS A 11 6.25 2.09 -6.54
CA LYS A 11 5.90 2.79 -5.31
C LYS A 11 4.67 3.67 -5.53
N GLU A 12 4.58 4.24 -6.73
CA GLU A 12 3.45 5.09 -7.07
C GLU A 12 2.25 4.23 -7.47
N ALA A 13 2.52 2.99 -7.86
CA ALA A 13 1.44 2.09 -8.25
C ALA A 13 0.95 1.29 -7.06
N ALA A 14 1.82 1.13 -6.06
CA ALA A 14 1.47 0.40 -4.85
C ALA A 14 0.92 1.35 -3.79
N LYS A 15 1.17 2.63 -3.96
CA LYS A 15 0.70 3.63 -3.01
C LYS A 15 -0.76 3.35 -2.63
N ALA A 16 -1.49 2.72 -3.55
CA ALA A 16 -2.88 2.38 -3.28
C ALA A 16 -2.97 1.55 -2.02
N ALA A 17 -2.33 0.38 -2.07
CA ALA A 17 -2.32 -0.53 -0.93
C ALA A 17 -1.92 0.24 0.32
N ALA A 18 -0.78 0.90 0.23
CA ALA A 18 -0.24 1.68 1.33
C ALA A 18 -1.36 2.24 2.21
N LYS A 19 -2.30 2.95 1.60
CA LYS A 19 -3.41 3.52 2.36
C LYS A 19 -4.39 2.42 2.75
N ALA A 20 -5.06 1.86 1.74
CA ALA A 20 -6.03 0.79 1.98
C ALA A 20 -5.52 -0.17 3.05
N ALA A 21 -4.20 -0.21 3.23
CA ALA A 21 -3.60 -1.10 4.22
C ALA A 21 -3.83 -0.55 5.63
N GLY A 22 -3.22 0.59 5.92
CA GLY A 22 -3.36 1.21 7.24
C GLY A 22 -4.84 1.46 7.55
N LYS A 23 -5.63 1.67 6.51
CA LYS A 23 -7.06 1.91 6.67
C LYS A 23 -7.72 0.73 7.39
N ALA A 24 -7.80 -0.40 6.70
CA ALA A 24 -8.41 -1.58 7.28
C ALA A 24 -7.68 -2.00 8.55
N ALA A 25 -6.40 -1.65 8.63
CA ALA A 25 -5.60 -1.98 9.80
C ALA A 25 -6.27 -1.46 11.07
N LEU A 26 -6.78 -0.24 11.02
CA LEU A 26 -7.45 0.36 12.16
C LEU A 26 -8.79 -0.32 12.42
N ASN A 27 -9.53 -0.59 11.35
CA ASN A 27 -10.83 -1.24 11.47
C ASN A 27 -10.68 -2.60 12.16
N ALA A 28 -9.46 -3.12 12.17
CA ALA A 28 -9.21 -4.42 12.80
C ALA A 28 -9.71 -4.42 14.24
N VAL A 29 -9.54 -3.30 14.92
CA VAL A 29 -9.97 -3.19 16.31
C VAL A 29 -11.46 -3.51 16.42
N SER A 30 -12.26 -2.90 15.56
CA SER A 30 -13.70 -3.13 15.58
C SER A 30 -14.02 -4.57 15.16
N GLU A 31 -13.40 -5.02 14.09
CA GLU A 31 -13.62 -6.38 13.61
C GLU A 31 -13.19 -7.40 14.65
N ALA A 32 -12.08 -7.12 15.32
CA ALA A 32 -11.56 -8.02 16.35
C ALA A 32 -12.68 -8.41 17.32
N VAL A 33 -13.17 -7.44 18.07
CA VAL A 33 -14.23 -7.69 19.03
C VAL A 33 -15.57 -7.84 18.32
N NH2 A 34 -16.11 -6.80 17.74
HN1 NH2 A 34 -15.66 -5.93 17.77
HN2 NH2 A 34 -16.97 -6.88 17.28
#